data_3C10
#
_entry.id   3C10
#
_cell.length_a   81.827
_cell.length_b   81.827
_cell.length_c   148.970
_cell.angle_alpha   90.00
_cell.angle_beta   90.00
_cell.angle_gamma   120.00
#
_symmetry.space_group_name_H-M   'P 32'
#
loop_
_entity.id
_entity.type
_entity.pdbx_description
1 polymer 'Histone deacetylase 7a'
2 non-polymer 'ZINC ION'
3 non-polymer 'POTASSIUM ION'
4 non-polymer 'TRICHOSTATIN A'
5 water water
#
_entity_poly.entity_id   1
_entity_poly.type   'polypeptide(L)'
_entity_poly.pdbx_seq_one_letter_code
;GSRAQSSPAAPASLSAPEPASQARVLSSSETPARTLPFTTGLIYDSVMLKHQCSCGDNSRHPEHAGRIQSIWSRLQERGL
RSQCECLRGRKASLEELQSVHSERHVLLYGTNPLSRLKLDNGKLAGLLAQRMFVMLPCGGVGVDTDTIWNELHSSNAARW
AAGSVTDLAFKVASRELKNGFAVVRPPGHHADHSTAMGFCFFNSVAIACRQLQQQSKASKILIVDWDVHHGNGTQQTFYQ
DPSVLYISLHRHDDGNFFPGSGAVDEVGAGSGEGFNVNVAWAGGLDPPMGDPEYLAAFRIVVMPIAREFSPDLVLVSAGF
DAAEGHPAPLGGYHVSAKCFGYMTQQLMNLAGGAVVLALEGGHDLTAICDASEACVAALLGNRVDPLSEEGWKQKPNLNA
IRSLEAVIRVHSKYWGCMQRLAS
;
_entity_poly.pdbx_strand_id   A,B,C
#
# COMPACT_ATOMS: atom_id res chain seq x y z
N THR A 35 -22.58 1.49 19.73
CA THR A 35 -21.10 1.68 19.54
C THR A 35 -20.28 0.54 20.19
N LEU A 36 -19.55 -0.20 19.36
CA LEU A 36 -18.70 -1.34 19.82
C LEU A 36 -17.85 -1.06 21.07
N PRO A 37 -17.87 -2.01 22.03
CA PRO A 37 -17.06 -2.03 23.23
C PRO A 37 -15.63 -2.42 22.92
N PHE A 38 -14.69 -1.96 23.77
CA PHE A 38 -13.27 -2.31 23.64
C PHE A 38 -12.70 -2.00 22.26
N THR A 39 -13.15 -0.91 21.63
CA THR A 39 -12.62 -0.48 20.33
C THR A 39 -11.61 0.68 20.48
N THR A 40 -11.56 1.19 21.71
CA THR A 40 -10.57 2.18 22.18
C THR A 40 -9.40 1.55 23.00
N GLY A 41 -8.17 1.72 22.52
CA GLY A 41 -7.01 1.18 23.24
C GLY A 41 -6.37 2.18 24.18
N LEU A 42 -5.98 1.72 25.36
CA LEU A 42 -5.02 2.43 26.21
C LEU A 42 -3.70 1.66 26.31
N ILE A 43 -2.59 2.39 26.30
CA ILE A 43 -1.23 1.83 26.33
C ILE A 43 -0.44 2.42 27.51
N TYR A 44 0.01 1.58 28.45
CA TYR A 44 0.82 2.01 29.60
C TYR A 44 1.68 0.85 30.09
N ASP A 45 2.83 1.19 30.69
CA ASP A 45 3.68 0.20 31.42
C ASP A 45 4.66 0.84 32.41
N SER A 46 4.80 0.17 33.55
CA SER A 46 5.67 0.64 34.60
C SER A 46 7.14 0.70 34.14
N VAL A 47 7.49 -0.01 33.07
CA VAL A 47 8.83 0.14 32.46
C VAL A 47 9.22 1.63 32.33
N MET A 48 8.26 2.45 31.92
CA MET A 48 8.51 3.82 31.57
C MET A 48 8.72 4.71 32.76
N LEU A 49 8.34 4.26 33.96
CA LEU A 49 8.63 5.00 35.19
C LEU A 49 10.14 5.03 35.53
N LYS A 50 10.93 4.10 35.02
CA LYS A 50 12.28 3.95 35.55
C LYS A 50 13.26 4.96 34.98
N HIS A 51 12.81 5.75 33.99
CA HIS A 51 13.62 6.83 33.37
C HIS A 51 13.72 8.04 34.33
N GLN A 52 14.70 8.05 35.21
CA GLN A 52 14.79 9.05 36.26
C GLN A 52 16.25 9.37 36.43
N CYS A 53 16.54 10.65 36.64
CA CYS A 53 17.90 11.04 37.00
C CYS A 53 18.34 10.31 38.27
N SER A 54 19.63 10.03 38.34
CA SER A 54 20.22 9.41 39.54
C SER A 54 20.26 10.35 40.78
N CYS A 55 19.96 11.64 40.59
CA CYS A 55 19.96 12.63 41.69
C CYS A 55 18.72 12.52 42.59
N GLY A 56 17.73 11.74 42.15
CA GLY A 56 16.54 11.46 42.95
C GLY A 56 15.69 12.69 43.29
N ASP A 57 15.74 13.72 42.46
CA ASP A 57 15.02 14.97 42.73
C ASP A 57 14.11 15.40 41.57
N ASN A 58 12.83 15.05 41.67
CA ASN A 58 11.82 15.51 40.72
C ASN A 58 11.72 17.04 40.64
N SER A 59 12.28 17.74 41.63
CA SER A 59 12.20 19.20 41.70
C SER A 59 12.87 19.86 40.51
N ARG A 60 14.07 19.41 40.16
CA ARG A 60 14.80 20.02 39.04
C ARG A 60 14.62 19.30 37.70
N HIS A 61 13.70 18.33 37.67
CA HIS A 61 13.44 17.48 36.50
C HIS A 61 11.94 17.31 36.26
N PRO A 62 11.30 18.28 35.59
CA PRO A 62 9.86 18.30 35.39
C PRO A 62 9.29 17.13 34.58
N GLU A 63 10.09 16.56 33.68
CA GLU A 63 9.68 15.36 32.93
C GLU A 63 10.03 14.12 33.80
N HIS A 64 9.20 13.90 34.83
CA HIS A 64 9.45 12.86 35.86
C HIS A 64 8.37 11.80 35.79
N ALA A 65 8.65 10.64 36.38
CA ALA A 65 7.76 9.47 36.36
C ALA A 65 6.34 9.69 36.86
N GLY A 66 6.17 10.62 37.81
CA GLY A 66 4.86 10.93 38.37
C GLY A 66 3.84 11.29 37.29
N ARG A 67 4.31 11.96 36.21
CA ARG A 67 3.43 12.31 35.06
C ARG A 67 2.57 11.12 34.62
N ILE A 68 3.18 10.00 34.21
CA ILE A 68 2.36 8.94 33.66
C ILE A 68 1.54 8.14 34.71
N GLN A 69 2.10 8.02 35.89
CA GLN A 69 1.50 7.19 36.95
C GLN A 69 0.22 7.87 37.50
N SER A 70 0.32 9.18 37.74
CA SER A 70 -0.85 9.99 38.13
C SER A 70 -1.98 9.92 37.08
N ILE A 71 -1.64 10.05 35.80
CA ILE A 71 -2.65 9.84 34.76
C ILE A 71 -3.26 8.43 34.76
N TRP A 72 -2.41 7.42 34.96
CA TRP A 72 -2.85 6.05 34.83
C TRP A 72 -3.96 5.71 35.83
N SER A 73 -3.78 6.16 37.05
CA SER A 73 -4.70 5.84 38.12
C SER A 73 -6.00 6.63 37.98
N ARG A 74 -5.89 7.92 37.59
CA ARG A 74 -7.05 8.73 37.28
C ARG A 74 -7.93 7.96 36.31
N LEU A 75 -7.33 7.41 35.27
CA LEU A 75 -8.10 6.64 34.30
C LEU A 75 -8.90 5.47 34.93
N GLN A 76 -8.28 4.79 35.90
CA GLN A 76 -8.88 3.69 36.64
C GLN A 76 -10.00 4.20 37.52
N GLU A 77 -9.69 5.21 38.35
CA GLU A 77 -10.65 5.81 39.27
C GLU A 77 -11.95 6.25 38.63
N ARG A 78 -11.88 7.00 37.53
CA ARG A 78 -13.10 7.47 36.85
C ARG A 78 -13.77 6.38 36.03
N GLY A 79 -13.19 5.19 36.02
CA GLY A 79 -13.84 4.06 35.40
C GLY A 79 -13.72 4.02 33.90
N LEU A 80 -12.66 4.60 33.36
CA LEU A 80 -12.46 4.58 31.91
C LEU A 80 -11.61 3.40 31.46
N ARG A 81 -10.62 3.08 32.30
CA ARG A 81 -9.67 1.97 32.02
C ARG A 81 -10.39 0.68 31.67
N SER A 82 -11.44 0.37 32.42
CA SER A 82 -12.22 -0.87 32.23
C SER A 82 -13.00 -0.86 30.93
N GLN A 83 -13.18 0.34 30.38
CA GLN A 83 -13.93 0.47 29.13
C GLN A 83 -13.07 0.19 27.92
N CYS A 84 -11.75 0.17 28.13
CA CYS A 84 -10.74 0.13 27.05
C CYS A 84 -9.96 -1.16 26.99
N GLU A 85 -9.57 -1.54 25.79
CA GLU A 85 -8.65 -2.64 25.59
C GLU A 85 -7.35 -2.09 26.13
N CYS A 86 -6.95 -2.53 27.33
CA CYS A 86 -5.63 -2.08 27.87
C CYS A 86 -4.42 -2.91 27.38
N LEU A 87 -3.38 -2.19 26.98
CA LEU A 87 -2.18 -2.80 26.42
C LEU A 87 -0.92 -2.43 27.22
N ARG A 88 0.12 -3.26 27.13
CA ARG A 88 1.32 -3.02 27.94
C ARG A 88 2.30 -2.20 27.11
N GLY A 89 2.28 -2.41 25.80
CA GLY A 89 3.34 -1.93 24.97
C GLY A 89 4.47 -2.94 24.92
N ARG A 90 5.58 -2.51 24.31
CA ARG A 90 6.80 -3.27 24.12
C ARG A 90 7.87 -2.28 23.65
N LYS A 91 9.14 -2.72 23.58
CA LYS A 91 10.22 -1.90 22.95
C LYS A 91 10.22 -1.87 21.45
N ALA A 92 10.50 -0.68 20.90
CA ALA A 92 10.72 -0.56 19.50
C ALA A 92 12.01 -1.31 19.17
N SER A 93 12.06 -1.92 17.98
CA SER A 93 13.30 -2.53 17.50
C SER A 93 14.17 -1.44 17.02
N LEU A 94 15.50 -1.71 16.95
CA LEU A 94 16.41 -0.81 16.28
C LEU A 94 16.03 -0.45 14.84
N GLU A 95 15.54 -1.42 14.06
CA GLU A 95 15.04 -1.12 12.72
C GLU A 95 13.83 -0.15 12.67
N GLU A 96 12.86 -0.33 13.58
CA GLU A 96 11.71 0.57 13.70
C GLU A 96 12.21 1.98 14.02
N LEU A 97 13.14 2.06 14.97
CA LEU A 97 13.79 3.34 15.30
C LEU A 97 14.43 4.03 14.10
N GLN A 98 15.12 3.24 13.25
CA GLN A 98 15.84 3.76 12.10
C GLN A 98 14.92 4.17 10.99
N SER A 99 13.61 3.95 11.12
CA SER A 99 12.70 4.53 10.14
C SER A 99 12.62 6.05 10.26
N VAL A 100 13.11 6.58 11.40
CA VAL A 100 13.16 8.05 11.58
C VAL A 100 14.55 8.58 11.90
N HIS A 101 15.33 7.79 12.63
CA HIS A 101 16.60 8.25 13.20
C HIS A 101 17.79 7.54 12.57
N SER A 102 18.93 8.21 12.63
CA SER A 102 20.18 7.73 12.02
C SER A 102 20.67 6.49 12.73
N GLU A 103 21.50 5.68 12.07
CA GLU A 103 22.01 4.49 12.77
C GLU A 103 22.83 4.87 14.00
N ARG A 104 23.65 5.93 13.92
CA ARG A 104 24.42 6.32 15.11
C ARG A 104 23.57 6.75 16.31
N HIS A 105 22.47 7.47 16.04
CA HIS A 105 21.55 7.91 17.12
C HIS A 105 20.95 6.70 17.78
N VAL A 106 20.51 5.76 16.95
CA VAL A 106 19.89 4.55 17.42
C VAL A 106 20.81 3.69 18.31
N LEU A 107 22.05 3.52 17.87
CA LEU A 107 23.05 2.82 18.70
C LEU A 107 23.43 3.56 19.99
N LEU A 108 23.51 4.88 19.97
CA LEU A 108 23.75 5.72 21.19
C LEU A 108 22.64 5.59 22.24
N TYR A 109 21.41 5.79 21.78
CA TYR A 109 20.30 5.85 22.72
C TYR A 109 19.47 4.56 22.81
N GLY A 110 19.65 3.66 21.84
CA GLY A 110 18.87 2.41 21.77
C GLY A 110 19.57 1.18 22.31
N THR A 111 20.85 1.28 22.64
CA THR A 111 21.54 0.10 23.15
C THR A 111 22.20 0.42 24.48
N ASN A 112 22.57 -0.61 25.22
CA ASN A 112 23.30 -0.44 26.48
C ASN A 112 24.68 -1.13 26.54
N PRO A 113 25.62 -0.56 27.32
CA PRO A 113 26.82 -1.33 27.69
C PRO A 113 26.42 -2.31 28.79
N LEU A 114 26.64 -3.61 28.57
CA LEU A 114 27.10 -4.18 27.31
C LEU A 114 26.07 -5.23 26.97
N SER A 115 25.30 -4.96 25.93
CA SER A 115 24.15 -5.76 25.61
C SER A 115 24.55 -7.15 25.18
N ARG A 116 23.57 -8.03 25.03
CA ARG A 116 23.76 -9.30 24.33
C ARG A 116 23.57 -9.06 22.84
N LEU A 117 23.63 -7.79 22.44
CA LEU A 117 23.39 -7.39 21.06
C LEU A 117 24.52 -7.90 20.19
N LYS A 118 24.16 -8.41 19.02
CA LYS A 118 25.14 -8.79 18.03
C LYS A 118 25.36 -7.58 17.16
N LEU A 119 26.45 -6.85 17.45
CA LEU A 119 26.93 -5.70 16.67
C LEU A 119 28.34 -6.05 16.22
N ASP A 120 28.67 -5.69 14.98
CA ASP A 120 30.02 -5.89 14.47
C ASP A 120 30.98 -4.99 15.22
N ASN A 121 32.26 -5.31 15.17
CA ASN A 121 33.24 -4.60 15.94
C ASN A 121 33.42 -3.18 15.48
N GLY A 122 33.11 -2.90 14.21
CA GLY A 122 33.15 -1.53 13.72
C GLY A 122 32.19 -0.60 14.45
N LYS A 123 30.96 -1.07 14.66
CA LYS A 123 29.94 -0.37 15.47
C LYS A 123 30.35 -0.26 16.92
N LEU A 124 30.86 -1.36 17.47
CA LEU A 124 31.33 -1.38 18.85
C LEU A 124 32.44 -0.36 19.04
N ALA A 125 33.33 -0.24 18.06
CA ALA A 125 34.41 0.72 18.13
C ALA A 125 33.94 2.18 18.02
N GLY A 126 32.88 2.43 17.26
CA GLY A 126 32.35 3.78 17.09
C GLY A 126 31.82 4.22 18.45
N LEU A 127 31.11 3.31 19.11
CA LEU A 127 30.57 3.52 20.43
C LEU A 127 31.67 3.75 21.48
N LEU A 128 32.90 3.34 21.18
CA LEU A 128 34.02 3.58 22.11
C LEU A 128 34.60 4.97 21.96
N ALA A 129 34.52 5.52 20.75
CA ALA A 129 35.01 6.88 20.43
C ALA A 129 34.36 8.01 21.23
N GLN A 130 33.15 7.82 21.72
CA GLN A 130 32.41 8.92 22.33
C GLN A 130 32.62 8.95 23.83
N VAL A 134 28.03 14.05 29.15
CA VAL A 134 27.70 15.32 29.77
C VAL A 134 27.25 15.19 31.24
N MET A 135 28.00 15.87 32.10
CA MET A 135 27.66 16.07 33.52
C MET A 135 26.62 17.14 33.76
N LEU A 136 25.58 16.78 34.50
CA LEU A 136 24.59 17.74 34.89
C LEU A 136 25.01 18.39 36.23
N PRO A 137 24.47 19.59 36.52
CA PRO A 137 24.69 20.26 37.79
C PRO A 137 24.35 19.35 38.96
N CYS A 138 23.32 18.52 38.82
CA CYS A 138 22.83 17.65 39.91
C CYS A 138 23.74 16.42 40.15
N GLY A 139 24.75 16.28 39.30
CA GLY A 139 25.62 15.09 39.24
C GLY A 139 25.12 13.92 38.38
N GLY A 140 23.92 14.03 37.82
CA GLY A 140 23.39 12.97 36.98
C GLY A 140 24.01 13.14 35.62
N VAL A 141 23.90 12.10 34.81
CA VAL A 141 24.38 12.17 33.43
C VAL A 141 23.21 12.68 32.62
N GLY A 142 23.52 13.42 31.56
CA GLY A 142 22.49 13.94 30.65
C GLY A 142 22.97 14.02 29.22
N VAL A 143 22.05 14.16 28.28
CA VAL A 143 22.43 14.61 26.94
C VAL A 143 22.62 16.15 26.86
N ASP A 144 21.76 16.90 27.54
CA ASP A 144 21.94 18.35 27.73
C ASP A 144 21.41 18.64 29.12
N THR A 145 21.30 19.92 29.48
CA THR A 145 20.75 20.38 30.78
C THR A 145 19.40 19.79 31.20
N ASP A 146 18.45 19.81 30.28
CA ASP A 146 17.09 19.35 30.54
C ASP A 146 16.96 17.85 30.43
N THR A 147 17.69 17.28 29.48
CA THR A 147 17.50 15.91 29.03
C THR A 147 18.45 14.91 29.74
N ILE A 148 17.87 14.21 30.70
CA ILE A 148 18.58 13.33 31.61
C ILE A 148 18.73 11.92 31.04
N TRP A 149 19.78 11.24 31.48
CA TRP A 149 20.07 9.86 31.06
C TRP A 149 20.36 9.00 32.31
N ASN A 150 19.45 8.11 32.62
CA ASN A 150 19.70 7.00 33.51
C ASN A 150 20.43 5.88 32.76
N GLU A 151 21.63 5.55 33.21
CA GLU A 151 22.47 4.62 32.54
C GLU A 151 21.98 3.19 32.54
N LEU A 152 21.06 2.84 33.46
CA LEU A 152 20.39 1.50 33.47
C LEU A 152 19.11 1.45 32.70
N HIS A 153 18.29 2.51 32.83
CA HIS A 153 16.89 2.49 32.46
C HIS A 153 16.40 3.37 31.30
N SER A 154 17.09 4.45 30.97
CA SER A 154 16.53 5.39 29.99
C SER A 154 16.39 4.81 28.57
N SER A 155 17.35 3.97 28.17
CA SER A 155 17.22 3.40 26.82
C SER A 155 15.99 2.50 26.70
N ASN A 156 15.75 1.65 27.69
CA ASN A 156 14.54 0.81 27.69
C ASN A 156 13.22 1.61 27.67
N ALA A 157 13.08 2.58 28.57
CA ALA A 157 11.93 3.46 28.66
C ALA A 157 11.67 4.22 27.36
N ALA A 158 12.69 4.76 26.71
CA ALA A 158 12.44 5.48 25.46
C ALA A 158 12.06 4.56 24.32
N ARG A 159 12.71 3.39 24.26
CA ARG A 159 12.34 2.43 23.22
C ARG A 159 10.91 1.96 23.48
N TRP A 160 10.55 1.79 24.74
CA TRP A 160 9.24 1.32 25.10
C TRP A 160 8.16 2.38 24.73
N ALA A 161 8.45 3.67 24.99
CA ALA A 161 7.51 4.74 24.56
C ALA A 161 7.23 4.62 23.08
N ALA A 162 8.30 4.46 22.30
CA ALA A 162 8.13 4.44 20.85
C ALA A 162 7.41 3.18 20.35
N GLY A 163 7.69 2.05 20.98
CA GLY A 163 7.12 0.77 20.49
C GLY A 163 5.65 0.66 20.82
N SER A 164 5.31 1.22 21.98
CA SER A 164 3.94 1.35 22.42
C SER A 164 3.02 2.20 21.59
N VAL A 165 3.50 3.38 21.18
CA VAL A 165 2.71 4.24 20.27
C VAL A 165 2.60 3.52 18.92
N THR A 166 3.70 2.90 18.49
CA THR A 166 3.67 2.16 17.25
C THR A 166 2.61 1.03 17.29
N ASP A 167 2.53 0.34 18.41
CA ASP A 167 1.66 -0.83 18.49
C ASP A 167 0.20 -0.44 18.64
N LEU A 168 -0.07 0.56 19.51
CA LEU A 168 -1.41 1.10 19.67
C LEU A 168 -1.94 1.56 18.34
N ALA A 169 -1.09 2.23 17.57
CA ALA A 169 -1.42 2.67 16.22
C ALA A 169 -1.72 1.57 15.20
N PHE A 170 -0.87 0.53 15.15
CA PHE A 170 -1.06 -0.56 14.17
C PHE A 170 -2.43 -1.25 14.33
N LYS A 171 -2.82 -1.42 15.57
CA LYS A 171 -4.13 -1.93 15.93
C LYS A 171 -5.27 -1.13 15.28
N VAL A 172 -5.16 0.21 15.37
CA VAL A 172 -6.09 1.17 14.74
C VAL A 172 -6.00 1.07 13.20
N ALA A 173 -4.81 1.10 12.63
CA ALA A 173 -4.63 0.97 11.16
C ALA A 173 -5.24 -0.28 10.49
N SER A 174 -5.05 -1.44 11.13
CA SER A 174 -5.59 -2.75 10.72
C SER A 174 -7.09 -2.78 10.97
N ARG A 175 -7.50 -1.85 11.84
CA ARG A 175 -8.84 -1.68 12.38
C ARG A 175 -9.38 -2.81 13.25
N GLU A 176 -8.56 -3.29 14.17
CA GLU A 176 -9.06 -4.09 15.29
C GLU A 176 -9.50 -3.18 16.41
N LEU A 177 -9.00 -1.93 16.44
CA LEU A 177 -9.45 -0.92 17.42
C LEU A 177 -9.98 0.31 16.67
N LYS A 178 -10.78 1.13 17.33
CA LYS A 178 -11.31 2.32 16.60
C LYS A 178 -10.33 3.51 16.69
N ASN A 179 -9.92 3.81 17.91
CA ASN A 179 -8.96 4.86 18.28
C ASN A 179 -8.18 4.43 19.55
N GLY A 180 -7.37 5.32 20.10
CA GLY A 180 -6.71 5.10 21.40
C GLY A 180 -5.77 6.18 21.91
N PHE A 181 -5.26 5.98 23.13
CA PHE A 181 -4.46 6.95 23.92
C PHE A 181 -3.24 6.26 24.53
N ALA A 182 -2.02 6.77 24.22
CA ALA A 182 -0.74 6.23 24.74
C ALA A 182 -0.21 7.05 25.89
N VAL A 183 -0.24 6.45 27.10
CA VAL A 183 0.23 7.14 28.30
C VAL A 183 1.72 6.87 28.44
N VAL A 184 2.50 7.65 27.70
CA VAL A 184 3.93 7.36 27.51
C VAL A 184 4.88 8.44 27.90
N ARG A 185 6.04 8.00 28.38
CA ARG A 185 7.21 8.88 28.51
C ARG A 185 8.50 8.04 28.36
N PRO A 186 9.64 8.69 28.07
CA PRO A 186 9.80 10.15 27.78
C PRO A 186 9.03 10.57 26.53
N PRO A 187 8.83 11.90 26.35
CA PRO A 187 8.13 12.38 25.18
C PRO A 187 9.01 12.25 23.94
N GLY A 188 8.47 12.62 22.79
CA GLY A 188 9.13 12.32 21.48
C GLY A 188 9.36 13.45 20.48
N HIS A 189 8.51 14.46 20.54
CA HIS A 189 8.35 15.36 19.40
C HIS A 189 9.53 16.28 19.09
N HIS A 190 10.46 16.46 20.03
CA HIS A 190 11.65 17.26 19.77
C HIS A 190 12.84 16.46 19.20
N ALA A 191 12.75 15.13 19.16
CA ALA A 191 13.89 14.32 18.77
C ALA A 191 13.87 14.31 17.25
N ASP A 192 14.98 14.70 16.63
CA ASP A 192 15.10 14.76 15.16
C ASP A 192 16.03 13.59 14.75
N HIS A 193 16.30 13.49 13.47
CA HIS A 193 17.03 12.37 12.88
C HIS A 193 18.25 11.93 13.71
N SER A 194 19.04 12.87 14.19
CA SER A 194 20.21 12.52 14.97
C SER A 194 20.36 13.49 16.14
N THR A 195 19.23 13.89 16.74
CA THR A 195 19.29 14.78 17.90
C THR A 195 18.27 14.43 18.96
N ALA A 196 18.76 14.18 20.17
CA ALA A 196 17.94 14.08 21.35
C ALA A 196 18.00 15.48 22.01
N MET A 197 16.87 15.98 22.50
CA MET A 197 16.80 17.32 23.08
C MET A 197 15.42 17.50 23.60
N GLY A 198 15.26 18.48 24.52
CA GLY A 198 13.90 18.81 25.03
C GLY A 198 13.13 17.66 25.69
N PHE A 199 13.84 16.84 26.47
CA PHE A 199 13.27 15.69 27.15
C PHE A 199 13.10 14.41 26.31
N CYS A 200 13.40 14.50 25.01
CA CYS A 200 13.03 13.52 23.99
C CYS A 200 14.24 12.84 23.40
N PHE A 201 14.06 11.57 23.05
CA PHE A 201 15.15 10.76 22.54
C PHE A 201 14.83 10.13 21.20
N PHE A 202 13.65 9.49 21.11
CA PHE A 202 13.12 9.07 19.86
C PHE A 202 11.75 9.66 19.63
N ASN A 203 11.44 9.95 18.38
CA ASN A 203 10.20 10.57 18.06
C ASN A 203 9.13 9.49 17.89
N SER A 204 8.55 9.07 18.99
CA SER A 204 7.56 7.95 19.01
C SER A 204 6.45 8.14 18.01
N VAL A 205 5.90 9.36 17.93
CA VAL A 205 4.86 9.65 16.95
C VAL A 205 5.33 9.49 15.51
N ALA A 206 6.50 10.01 15.17
CA ALA A 206 6.94 9.98 13.77
C ALA A 206 7.28 8.52 13.35
N ILE A 207 7.76 7.78 14.31
CA ILE A 207 8.10 6.37 14.16
C ILE A 207 6.85 5.56 13.90
N ALA A 208 5.82 5.70 14.73
CA ALA A 208 4.53 5.10 14.45
C ALA A 208 4.02 5.44 13.07
N CYS A 209 4.07 6.74 12.68
CA CYS A 209 3.65 7.19 11.39
C CYS A 209 4.33 6.44 10.23
N ARG A 210 5.66 6.30 10.29
CA ARG A 210 6.44 5.62 9.27
C ARG A 210 6.10 4.13 9.19
N GLN A 211 5.87 3.55 10.36
CA GLN A 211 5.62 2.13 10.47
C GLN A 211 4.29 1.84 9.84
N LEU A 212 3.25 2.53 10.32
CA LEU A 212 1.95 2.53 9.63
C LEU A 212 2.00 2.56 8.09
N GLN A 213 2.81 3.44 7.53
CA GLN A 213 2.85 3.67 6.12
C GLN A 213 3.57 2.56 5.36
N GLN A 214 4.55 1.97 6.03
CA GLN A 214 5.26 0.79 5.55
C GLN A 214 4.24 -0.34 5.28
N GLN A 215 3.33 -0.52 6.24
CA GLN A 215 2.30 -1.57 6.25
C GLN A 215 0.98 -1.30 5.51
N SER A 216 0.70 -0.07 5.12
CA SER A 216 -0.43 0.20 4.23
C SER A 216 0.03 1.21 3.18
N LYS A 217 0.38 0.70 1.99
CA LYS A 217 0.98 1.51 0.93
C LYS A 217 0.04 2.61 0.50
N ALA A 218 0.65 3.79 0.26
CA ALA A 218 -0.04 5.00 -0.17
C ALA A 218 -0.93 5.68 0.87
N SER A 219 -1.00 5.14 2.09
CA SER A 219 -1.80 5.78 3.14
C SER A 219 -1.31 7.23 3.46
N LYS A 220 -2.27 8.08 3.85
CA LYS A 220 -2.01 9.50 4.09
C LYS A 220 -2.20 9.71 5.57
N ILE A 221 -1.20 10.28 6.23
CA ILE A 221 -1.28 10.41 7.70
C ILE A 221 -1.26 11.90 8.10
N LEU A 222 -2.14 12.27 9.02
CA LEU A 222 -2.18 13.64 9.56
C LEU A 222 -1.63 13.58 10.97
N ILE A 223 -0.60 14.38 11.28
CA ILE A 223 -0.15 14.56 12.68
C ILE A 223 -0.49 15.98 13.10
N VAL A 224 -1.25 16.04 14.20
CA VAL A 224 -1.70 17.24 14.90
C VAL A 224 -0.91 17.28 16.19
N ASP A 225 -0.17 18.38 16.41
CA ASP A 225 0.68 18.50 17.56
C ASP A 225 0.16 19.75 18.36
N TRP A 226 -0.60 19.50 19.44
CA TRP A 226 -1.09 20.62 20.31
C TRP A 226 -0.31 20.85 21.61
N ASP A 227 0.76 20.09 21.83
CA ASP A 227 1.74 20.50 22.78
C ASP A 227 2.05 22.01 22.54
N VAL A 228 2.26 22.79 23.61
CA VAL A 228 2.55 24.23 23.51
C VAL A 228 3.87 24.52 22.78
N HIS A 229 4.79 23.53 22.70
CA HIS A 229 6.08 23.69 21.98
C HIS A 229 5.97 23.18 20.58
N HIS A 230 6.67 23.79 19.64
CA HIS A 230 6.75 23.21 18.24
C HIS A 230 7.50 21.84 18.22
N GLY A 231 6.94 20.84 17.53
CA GLY A 231 7.61 19.55 17.35
C GLY A 231 8.56 19.62 16.17
N ASN A 232 9.67 20.30 16.40
CA ASN A 232 10.74 20.45 15.43
C ASN A 232 11.15 19.09 14.84
N GLY A 233 11.36 18.06 15.64
CA GLY A 233 11.78 16.75 15.02
C GLY A 233 10.70 16.22 14.04
N THR A 234 9.45 16.33 14.44
CA THR A 234 8.35 15.87 13.55
C THR A 234 8.29 16.69 12.27
N GLN A 235 8.24 18.03 12.36
CA GLN A 235 8.29 18.88 11.17
C GLN A 235 9.44 18.46 10.24
N GLN A 236 10.64 18.35 10.80
CA GLN A 236 11.82 18.04 9.99
C GLN A 236 11.74 16.66 9.33
N THR A 237 11.29 15.66 10.08
CA THR A 237 11.14 14.32 9.54
C THR A 237 10.27 14.30 8.26
N PHE A 238 9.16 15.03 8.28
CA PHE A 238 8.16 14.90 7.22
C PHE A 238 8.08 16.09 6.31
N TYR A 239 9.06 16.98 6.42
CA TYR A 239 9.09 18.24 5.71
C TYR A 239 9.00 18.12 4.18
N GLN A 240 9.62 17.09 3.62
CA GLN A 240 9.62 17.00 2.14
C GLN A 240 8.80 15.80 1.67
N ASP A 241 7.82 15.42 2.49
CA ASP A 241 7.05 14.21 2.31
C ASP A 241 5.53 14.50 2.18
N PRO A 242 4.97 14.57 0.94
CA PRO A 242 3.53 14.90 0.81
C PRO A 242 2.56 13.88 1.42
N SER A 243 3.05 12.72 1.85
CA SER A 243 2.11 11.71 2.38
C SER A 243 1.74 11.95 3.85
N VAL A 244 2.43 12.91 4.47
CA VAL A 244 2.14 13.20 5.89
C VAL A 244 1.84 14.71 6.00
N LEU A 245 0.73 15.03 6.65
CA LEU A 245 0.40 16.43 6.90
C LEU A 245 0.70 16.69 8.36
N TYR A 246 1.61 17.61 8.64
CA TYR A 246 1.86 17.99 10.01
C TYR A 246 1.23 19.38 10.33
N ILE A 247 0.40 19.41 11.34
CA ILE A 247 -0.22 20.67 11.86
C ILE A 247 0.17 20.85 13.33
N SER A 248 1.02 21.84 13.58
CA SER A 248 1.37 22.15 14.93
C SER A 248 0.64 23.45 15.37
N LEU A 249 0.09 23.46 16.59
CA LEU A 249 -0.25 24.71 17.29
C LEU A 249 0.80 24.88 18.36
N HIS A 250 1.48 26.03 18.40
CA HIS A 250 2.48 26.22 19.46
C HIS A 250 2.69 27.69 19.76
N ARG A 251 3.15 27.96 20.97
CA ARG A 251 3.57 29.32 21.32
C ARG A 251 4.86 29.60 20.54
N HIS A 252 4.88 30.66 19.75
CA HIS A 252 6.05 30.94 18.94
C HIS A 252 6.73 32.30 19.30
N ASP A 253 5.97 33.38 19.27
CA ASP A 253 6.48 34.71 19.79
C ASP A 253 7.74 35.14 19.07
N ASP A 254 7.70 35.06 17.75
CA ASP A 254 8.79 35.51 16.90
C ASP A 254 10.12 34.85 17.17
N GLY A 255 10.13 33.52 17.31
CA GLY A 255 11.40 32.81 17.41
C GLY A 255 11.95 32.72 18.82
N ASN A 256 11.15 33.15 19.79
CA ASN A 256 11.63 33.39 21.16
C ASN A 256 11.06 32.46 22.24
N PHE A 257 10.50 31.31 21.86
CA PHE A 257 10.06 30.30 22.82
C PHE A 257 10.64 28.93 22.41
N PHE A 258 10.98 28.10 23.39
CA PHE A 258 11.62 26.81 23.13
C PHE A 258 10.72 26.02 22.14
N PRO A 259 11.32 25.42 21.10
CA PRO A 259 12.74 25.41 20.72
C PRO A 259 13.21 26.47 19.72
N GLY A 260 12.37 27.45 19.44
CA GLY A 260 12.71 28.52 18.52
C GLY A 260 12.42 28.23 17.06
N SER A 261 11.78 27.10 16.81
CA SER A 261 11.56 26.65 15.44
C SER A 261 10.11 26.81 15.01
N GLY A 262 9.79 26.55 13.76
CA GLY A 262 8.36 26.43 13.40
C GLY A 262 7.61 27.73 13.13
N ALA A 263 8.26 28.63 12.39
CA ALA A 263 7.61 29.85 11.92
C ALA A 263 6.51 29.54 10.90
N VAL A 264 5.54 30.43 10.80
CA VAL A 264 4.35 30.26 9.95
C VAL A 264 4.68 30.04 8.47
N ASP A 265 5.81 30.63 8.02
CA ASP A 265 6.25 30.55 6.61
C ASP A 265 6.90 29.22 6.22
N GLU A 266 7.14 28.36 7.20
CA GLU A 266 7.64 27.01 6.92
C GLU A 266 6.50 26.07 6.53
N VAL A 267 6.35 25.89 5.22
CA VAL A 267 5.21 25.18 4.66
C VAL A 267 5.56 23.78 4.16
N GLY A 268 6.84 23.40 4.25
CA GLY A 268 7.34 22.19 3.64
C GLY A 268 8.20 22.52 2.40
N ALA A 269 8.81 21.50 1.80
CA ALA A 269 9.67 21.71 0.64
C ALA A 269 9.59 20.55 -0.33
N GLY A 270 9.96 20.81 -1.57
CA GLY A 270 9.90 19.77 -2.59
C GLY A 270 8.48 19.30 -2.77
N SER A 271 8.35 17.99 -2.91
CA SER A 271 7.07 17.32 -2.95
C SER A 271 6.15 17.69 -1.79
N GLY A 272 6.75 17.96 -0.64
CA GLY A 272 5.95 18.11 0.58
C GLY A 272 5.57 19.57 0.84
N GLU A 273 5.82 20.45 -0.14
CA GLU A 273 5.46 21.87 -0.01
C GLU A 273 3.96 22.05 0.12
N GLY A 274 3.53 22.66 1.23
CA GLY A 274 2.12 22.78 1.56
C GLY A 274 1.63 21.84 2.64
N PHE A 275 2.45 20.85 3.02
CA PHE A 275 1.96 19.82 3.93
C PHE A 275 2.53 19.99 5.36
N ASN A 276 3.08 21.18 5.65
CA ASN A 276 3.52 21.50 7.00
C ASN A 276 2.82 22.79 7.41
N VAL A 277 2.01 22.73 8.45
CA VAL A 277 1.17 23.88 8.85
C VAL A 277 1.51 24.24 10.28
N ASN A 278 2.24 25.36 10.41
CA ASN A 278 2.60 25.89 11.76
C ASN A 278 1.63 26.96 12.22
N VAL A 279 0.74 26.61 13.12
CA VAL A 279 -0.14 27.60 13.71
C VAL A 279 0.73 28.26 14.79
N ALA A 280 1.57 29.21 14.34
CA ALA A 280 2.56 29.84 15.19
C ALA A 280 1.99 31.06 15.95
N TRP A 281 1.65 30.89 17.23
CA TRP A 281 1.03 31.96 18.02
C TRP A 281 2.09 33.04 18.30
N ALA A 282 1.76 34.28 17.98
CA ALA A 282 2.67 35.42 18.16
C ALA A 282 2.13 36.35 19.22
N GLY A 283 3.00 37.17 19.80
CA GLY A 283 2.53 38.23 20.68
C GLY A 283 2.65 38.02 22.18
N GLY A 284 2.98 36.81 22.61
CA GLY A 284 3.23 36.54 24.03
C GLY A 284 2.04 36.17 24.86
N LEU A 285 2.09 36.54 26.15
CA LEU A 285 1.24 35.94 27.20
C LEU A 285 0.07 36.80 27.65
N ASP A 286 0.30 38.10 27.58
CA ASP A 286 -0.78 39.06 27.74
C ASP A 286 -1.04 39.62 26.37
N PRO A 287 -2.26 39.41 25.84
CA PRO A 287 -3.52 38.86 26.38
C PRO A 287 -3.54 37.35 26.69
N PRO A 288 -4.65 36.83 27.25
CA PRO A 288 -4.66 35.43 27.67
C PRO A 288 -4.97 34.46 26.51
N MET A 289 -4.11 33.47 26.30
CA MET A 289 -4.24 32.45 25.20
C MET A 289 -4.88 31.18 25.72
N GLY A 290 -6.03 30.82 25.22
CA GLY A 290 -6.81 29.79 25.88
C GLY A 290 -7.82 29.15 24.97
N ASP A 291 -8.93 28.71 25.56
CA ASP A 291 -9.98 28.06 24.84
C ASP A 291 -10.53 28.77 23.60
N PRO A 292 -10.78 30.12 23.69
CA PRO A 292 -11.35 30.73 22.49
C PRO A 292 -10.35 30.68 21.30
N GLU A 293 -9.06 30.86 21.59
CA GLU A 293 -8.05 30.81 20.56
C GLU A 293 -7.91 29.39 19.93
N TYR A 294 -7.86 28.37 20.78
CA TYR A 294 -7.68 26.99 20.34
C TYR A 294 -8.91 26.54 19.59
N LEU A 295 -10.10 26.85 20.11
CA LEU A 295 -11.33 26.54 19.40
C LEU A 295 -11.36 27.20 18.02
N ALA A 296 -10.92 28.46 17.97
CA ALA A 296 -10.93 29.19 16.72
C ALA A 296 -9.90 28.57 15.79
N ALA A 297 -8.72 28.22 16.33
CA ALA A 297 -7.69 27.55 15.48
C ALA A 297 -8.27 26.31 14.77
N PHE A 298 -9.03 25.54 15.54
CA PHE A 298 -9.70 24.33 15.02
C PHE A 298 -10.77 24.56 13.96
N ARG A 299 -11.61 25.58 14.17
CA ARG A 299 -12.66 25.94 13.25
C ARG A 299 -12.12 26.40 11.98
N ILE A 300 -11.09 27.25 12.04
CA ILE A 300 -10.67 28.00 10.85
C ILE A 300 -9.54 27.33 10.09
N VAL A 301 -8.64 26.66 10.82
CA VAL A 301 -7.43 26.09 10.24
C VAL A 301 -7.35 24.53 10.34
N VAL A 302 -7.43 23.98 11.56
CA VAL A 302 -7.08 22.55 11.77
C VAL A 302 -8.08 21.73 10.99
N MET A 303 -9.37 21.96 11.25
CA MET A 303 -10.36 21.08 10.71
C MET A 303 -10.53 21.17 9.21
N PRO A 304 -10.68 22.40 8.67
CA PRO A 304 -10.80 22.51 7.21
C PRO A 304 -9.63 21.98 6.37
N ILE A 305 -8.39 22.22 6.81
CA ILE A 305 -7.27 21.70 6.08
C ILE A 305 -7.26 20.16 6.20
N ALA A 306 -7.53 19.66 7.41
CA ALA A 306 -7.56 18.21 7.64
C ALA A 306 -8.60 17.51 6.75
N ARG A 307 -9.75 18.14 6.57
CA ARG A 307 -10.79 17.50 5.75
C ARG A 307 -10.37 17.53 4.32
N GLU A 308 -9.71 18.61 3.89
CA GLU A 308 -9.27 18.70 2.51
C GLU A 308 -8.19 17.65 2.21
N PHE A 309 -7.25 17.49 3.15
CA PHE A 309 -6.19 16.46 3.06
C PHE A 309 -6.78 15.06 2.99
N SER A 310 -7.76 14.81 3.83
CA SER A 310 -8.49 13.56 3.93
C SER A 310 -7.58 12.42 4.39
N PRO A 311 -7.10 12.48 5.66
CA PRO A 311 -6.13 11.49 6.15
C PRO A 311 -6.74 10.08 6.27
N ASP A 312 -5.93 9.04 6.04
CA ASP A 312 -6.28 7.65 6.33
C ASP A 312 -6.27 7.37 7.84
N LEU A 313 -5.38 8.04 8.58
CA LEU A 313 -5.31 7.94 10.03
C LEU A 313 -4.76 9.26 10.69
N VAL A 314 -5.16 9.54 11.91
CA VAL A 314 -4.69 10.74 12.61
C VAL A 314 -3.87 10.40 13.85
N LEU A 315 -2.62 10.87 13.91
CA LEU A 315 -1.82 10.76 15.13
C LEU A 315 -1.78 12.11 15.86
N VAL A 316 -1.92 12.09 17.18
CA VAL A 316 -1.83 13.33 17.93
C VAL A 316 -0.66 13.37 18.87
N SER A 317 0.20 14.38 18.69
CA SER A 317 1.17 14.69 19.68
C SER A 317 0.46 15.53 20.75
N ALA A 318 -0.02 14.82 21.78
CA ALA A 318 -0.96 15.35 22.76
C ALA A 318 -0.20 15.73 24.03
N GLY A 319 0.51 16.86 23.96
CA GLY A 319 1.17 17.43 25.13
C GLY A 319 0.08 18.23 25.81
N PHE A 320 0.23 18.45 27.11
CA PHE A 320 -0.81 19.19 27.85
C PHE A 320 -0.23 20.41 28.55
N ASP A 321 0.89 20.91 28.03
CA ASP A 321 1.54 22.07 28.59
C ASP A 321 0.98 23.45 28.21
N ALA A 322 0.00 23.48 27.31
CA ALA A 322 -0.80 24.65 27.00
C ALA A 322 -1.97 24.71 28.01
N ALA A 323 -2.05 23.71 28.90
CA ALA A 323 -3.10 23.69 29.93
C ALA A 323 -2.85 24.72 31.02
N GLU A 324 -3.94 25.20 31.60
CA GLU A 324 -3.91 25.98 32.80
C GLU A 324 -3.06 25.19 33.81
N GLY A 325 -2.15 25.87 34.49
CA GLY A 325 -1.29 25.20 35.47
C GLY A 325 0.19 25.32 35.19
N HIS A 326 0.54 25.80 34.00
CA HIS A 326 1.93 25.90 33.61
C HIS A 326 2.34 27.36 33.64
N PRO A 327 3.36 27.71 34.47
CA PRO A 327 3.91 29.08 34.53
C PRO A 327 4.51 29.55 33.21
N ALA A 328 4.63 30.88 33.09
CA ALA A 328 5.18 31.52 31.91
C ALA A 328 6.25 30.70 31.15
N PRO A 329 7.41 30.41 31.80
CA PRO A 329 8.50 29.77 31.05
C PRO A 329 8.19 28.36 30.52
N LEU A 330 7.22 27.67 31.09
CA LEU A 330 6.87 26.31 30.68
C LEU A 330 5.59 26.20 29.81
N GLY A 331 4.97 27.34 29.51
CA GLY A 331 3.68 27.39 28.81
C GLY A 331 3.04 28.77 28.89
N GLY A 332 2.41 29.05 30.03
CA GLY A 332 1.72 30.34 30.25
C GLY A 332 0.35 30.47 29.62
N TYR A 333 -0.21 29.35 29.13
CA TYR A 333 -1.51 29.34 28.47
C TYR A 333 -2.56 28.78 29.39
N HIS A 334 -3.81 28.83 28.94
CA HIS A 334 -5.01 28.47 29.74
C HIS A 334 -5.99 27.56 29.11
N VAL A 335 -5.53 26.62 28.30
CA VAL A 335 -6.47 25.69 27.68
C VAL A 335 -6.98 24.79 28.76
N SER A 336 -8.26 24.47 28.68
CA SER A 336 -8.93 23.71 29.72
C SER A 336 -9.05 22.25 29.28
N ALA A 337 -9.30 21.39 30.25
CA ALA A 337 -9.52 19.97 30.00
C ALA A 337 -10.67 19.71 29.04
N LYS A 338 -11.79 20.42 29.20
CA LYS A 338 -12.95 20.18 28.28
C LYS A 338 -12.59 20.50 26.83
N CYS A 339 -11.83 21.58 26.65
CA CYS A 339 -11.35 21.98 25.32
C CYS A 339 -10.46 20.89 24.70
N PHE A 340 -9.50 20.36 25.46
CA PHE A 340 -8.72 19.19 24.97
C PHE A 340 -9.65 18.06 24.64
N GLY A 341 -10.65 17.90 25.50
CA GLY A 341 -11.69 16.92 25.22
C GLY A 341 -12.40 17.16 23.92
N TYR A 342 -12.77 18.42 23.68
CA TYR A 342 -13.57 18.74 22.48
C TYR A 342 -12.71 18.64 21.21
N MET A 343 -11.44 19.02 21.33
CA MET A 343 -10.51 18.91 20.23
C MET A 343 -10.33 17.47 19.79
N THR A 344 -10.23 16.55 20.77
CA THR A 344 -10.18 15.13 20.47
C THR A 344 -11.42 14.71 19.70
N GLN A 345 -12.58 15.15 20.18
CA GLN A 345 -13.88 14.76 19.58
C GLN A 345 -13.99 15.20 18.11
N GLN A 346 -13.47 16.38 17.81
CA GLN A 346 -13.50 16.91 16.45
C GLN A 346 -12.61 16.07 15.56
N LEU A 347 -11.40 15.75 16.01
CA LEU A 347 -10.51 14.89 15.18
C LEU A 347 -11.12 13.49 14.91
N MET A 348 -11.95 12.99 15.80
CA MET A 348 -12.67 11.72 15.52
C MET A 348 -13.59 11.70 14.28
N ASN A 349 -14.02 12.87 13.85
CA ASN A 349 -14.77 12.98 12.59
C ASN A 349 -13.88 12.72 11.39
N LEU A 350 -12.56 12.63 11.63
CA LEU A 350 -11.67 12.38 10.51
C LEU A 350 -11.29 10.91 10.46
N ALA A 351 -10.89 10.47 9.27
CA ALA A 351 -10.24 9.17 9.04
C ALA A 351 -11.12 7.98 9.41
N GLY A 352 -12.44 8.12 9.28
CA GLY A 352 -13.35 7.10 9.79
C GLY A 352 -13.32 6.96 11.32
N GLY A 353 -12.74 7.91 12.01
CA GLY A 353 -12.56 7.74 13.44
C GLY A 353 -11.18 7.17 13.86
N ALA A 354 -10.29 6.90 12.94
CA ALA A 354 -8.99 6.30 13.37
C ALA A 354 -8.07 7.38 14.04
N VAL A 355 -8.19 7.55 15.34
CA VAL A 355 -7.42 8.59 16.08
C VAL A 355 -6.57 7.97 17.18
N VAL A 356 -5.26 8.27 17.19
CA VAL A 356 -4.35 7.79 18.23
C VAL A 356 -3.64 8.99 18.90
N LEU A 357 -3.89 9.22 20.20
CA LEU A 357 -3.16 10.24 20.96
C LEU A 357 -1.95 9.63 21.66
N ALA A 358 -0.88 10.41 21.77
CA ALA A 358 0.34 10.05 22.50
C ALA A 358 0.78 11.18 23.34
N LEU A 359 1.01 10.90 24.63
CA LEU A 359 1.44 11.90 25.56
C LEU A 359 2.79 12.47 25.13
N GLU A 360 2.87 13.80 25.19
CA GLU A 360 4.11 14.48 24.94
C GLU A 360 4.44 15.21 26.21
N GLY A 361 4.35 16.53 26.18
CA GLY A 361 4.75 17.34 27.32
C GLY A 361 3.60 17.64 28.26
N GLY A 362 3.82 18.53 29.21
CA GLY A 362 2.76 18.82 30.19
C GLY A 362 3.20 18.16 31.49
N HIS A 363 3.31 18.96 32.54
CA HIS A 363 3.78 18.42 33.83
C HIS A 363 2.99 18.76 35.11
N ASP A 364 1.99 19.63 35.03
CA ASP A 364 1.13 19.88 36.19
C ASP A 364 0.25 18.68 36.32
N LEU A 365 0.32 17.96 37.45
CA LEU A 365 -0.36 16.66 37.52
C LEU A 365 -1.87 16.74 37.40
N THR A 366 -2.48 17.69 38.10
CA THR A 366 -3.95 17.81 38.08
C THR A 366 -4.39 18.19 36.67
N ALA A 367 -3.73 19.22 36.14
CA ALA A 367 -3.93 19.66 34.75
C ALA A 367 -3.80 18.54 33.69
N ILE A 368 -2.70 17.77 33.73
CA ILE A 368 -2.55 16.68 32.75
C ILE A 368 -3.55 15.50 32.99
N CYS A 369 -3.89 15.23 34.26
CA CYS A 369 -4.89 14.21 34.60
C CYS A 369 -6.29 14.57 34.11
N ASP A 370 -6.72 15.80 34.38
CA ASP A 370 -8.01 16.31 33.81
C ASP A 370 -8.05 16.25 32.27
N ALA A 371 -6.98 16.78 31.65
CA ALA A 371 -6.91 16.74 30.18
C ALA A 371 -6.98 15.31 29.70
N SER A 372 -6.17 14.40 30.26
CA SER A 372 -6.14 13.01 29.75
C SER A 372 -7.51 12.34 29.89
N GLU A 373 -8.17 12.59 31.01
CA GLU A 373 -9.52 12.05 31.32
C GLU A 373 -10.51 12.52 30.27
N ALA A 374 -10.47 13.82 30.01
CA ALA A 374 -11.34 14.47 29.04
C ALA A 374 -11.12 13.88 27.66
N CYS A 375 -9.84 13.70 27.28
CA CYS A 375 -9.53 13.06 26.01
C CYS A 375 -9.99 11.60 25.95
N VAL A 376 -9.79 10.83 27.01
CA VAL A 376 -10.14 9.38 26.92
C VAL A 376 -11.68 9.20 26.81
N ALA A 377 -12.43 9.98 27.58
CA ALA A 377 -13.94 10.00 27.48
C ALA A 377 -14.45 10.27 26.06
N ALA A 378 -13.73 11.15 25.37
CA ALA A 378 -14.13 11.59 24.06
C ALA A 378 -13.86 10.47 23.11
N LEU A 379 -12.68 9.85 23.26
CA LEU A 379 -12.33 8.68 22.47
C LEU A 379 -13.37 7.58 22.51
N LEU A 380 -13.92 7.37 23.70
CA LEU A 380 -14.94 6.33 23.94
C LEU A 380 -16.27 6.71 23.30
N GLY A 381 -16.47 8.00 23.04
CA GLY A 381 -17.65 8.47 22.32
C GLY A 381 -18.59 9.30 23.16
N ASN A 382 -18.10 9.77 24.31
CA ASN A 382 -18.70 10.86 25.03
C ASN A 382 -18.57 12.16 24.24
N ARG A 383 -19.63 12.96 24.27
CA ARG A 383 -19.75 14.18 23.49
C ARG A 383 -19.80 15.39 24.43
N VAL A 384 -18.92 16.37 24.18
CA VAL A 384 -18.87 17.66 24.89
C VAL A 384 -19.87 18.63 24.26
N ASP A 385 -20.60 19.32 25.13
CA ASP A 385 -21.62 20.28 24.73
C ASP A 385 -20.98 21.65 24.72
N PRO A 386 -20.71 22.19 23.51
CA PRO A 386 -20.05 23.48 23.38
C PRO A 386 -20.90 24.62 23.99
N LEU A 387 -22.21 24.40 24.10
CA LEU A 387 -23.09 25.37 24.77
C LEU A 387 -22.89 25.41 26.28
N SER A 388 -22.36 24.32 26.83
CA SER A 388 -22.14 24.21 28.28
C SER A 388 -21.19 25.24 28.88
N GLU A 389 -20.35 25.86 28.05
CA GLU A 389 -19.34 26.78 28.58
C GLU A 389 -19.53 28.20 28.09
N GLU A 390 -19.56 29.09 29.07
CA GLU A 390 -19.85 30.49 28.85
C GLU A 390 -18.61 31.17 28.32
N GLY A 391 -17.46 30.64 28.72
CA GLY A 391 -16.18 31.24 28.34
C GLY A 391 -15.87 31.02 26.87
N TRP A 392 -16.60 30.09 26.26
CA TRP A 392 -16.50 29.67 24.86
C TRP A 392 -17.36 30.54 23.94
N LYS A 393 -18.05 31.51 24.56
CA LYS A 393 -18.83 32.51 23.82
C LYS A 393 -17.95 33.72 23.47
N GLN A 394 -16.83 33.86 24.18
CA GLN A 394 -15.85 34.91 23.97
C GLN A 394 -15.05 34.72 22.64
N LYS A 395 -14.81 35.84 21.94
CA LYS A 395 -14.10 35.87 20.64
C LYS A 395 -12.63 35.60 20.89
N PRO A 396 -11.91 35.00 19.89
CA PRO A 396 -10.50 34.83 20.19
C PRO A 396 -9.80 36.17 20.34
N ASN A 397 -8.74 36.22 21.13
CA ASN A 397 -7.96 37.45 21.26
C ASN A 397 -7.32 37.90 19.92
N LEU A 398 -6.80 39.13 19.92
CA LEU A 398 -6.37 39.76 18.65
C LEU A 398 -5.08 39.18 18.17
N ASN A 399 -4.19 38.87 19.11
CA ASN A 399 -2.95 38.16 18.81
C ASN A 399 -3.24 36.82 18.15
N ALA A 400 -4.24 36.11 18.65
CA ALA A 400 -4.75 34.88 18.00
C ALA A 400 -5.26 35.07 16.57
N ILE A 401 -6.14 36.05 16.37
CA ILE A 401 -6.71 36.33 15.07
C ILE A 401 -5.62 36.71 14.11
N ARG A 402 -4.69 37.51 14.61
CA ARG A 402 -3.58 37.96 13.82
C ARG A 402 -2.76 36.76 13.39
N SER A 403 -2.43 35.88 14.35
CA SER A 403 -1.62 34.67 14.08
C SER A 403 -2.28 33.78 13.03
N LEU A 404 -3.59 33.61 13.14
CA LEU A 404 -4.35 32.84 12.17
C LEU A 404 -4.39 33.50 10.79
N GLU A 405 -4.54 34.82 10.75
CA GLU A 405 -4.44 35.56 9.48
C GLU A 405 -3.17 35.22 8.69
N ALA A 406 -2.04 35.16 9.38
CA ALA A 406 -0.77 34.84 8.78
C ALA A 406 -0.78 33.38 8.26
N VAL A 407 -1.41 32.47 8.99
CA VAL A 407 -1.51 31.06 8.56
C VAL A 407 -2.34 30.99 7.30
N ILE A 408 -3.49 31.66 7.33
CA ILE A 408 -4.36 31.71 6.15
C ILE A 408 -3.65 32.37 4.95
N ARG A 409 -3.03 33.51 5.19
CA ARG A 409 -2.27 34.22 4.14
C ARG A 409 -1.28 33.28 3.46
N VAL A 410 -0.42 32.66 4.26
CA VAL A 410 0.55 31.66 3.77
C VAL A 410 -0.10 30.42 3.08
N HIS A 411 -1.11 29.83 3.72
CA HIS A 411 -1.60 28.53 3.22
C HIS A 411 -2.66 28.62 2.13
N SER A 412 -3.14 29.83 1.83
CA SER A 412 -4.05 30.04 0.68
C SER A 412 -3.46 29.48 -0.61
N LYS A 413 -2.14 29.39 -0.69
CA LYS A 413 -1.45 29.02 -1.91
C LYS A 413 -1.62 27.53 -2.15
N TYR A 414 -1.88 26.79 -1.07
CA TYR A 414 -1.89 25.33 -1.10
C TYR A 414 -3.25 24.71 -0.80
N TRP A 415 -4.11 25.40 -0.07
CA TRP A 415 -5.37 24.78 0.37
C TRP A 415 -6.62 25.59 -0.03
N GLY A 416 -7.54 24.97 -0.76
CA GLY A 416 -8.82 25.59 -1.17
C GLY A 416 -9.63 26.22 -0.04
N CYS A 417 -9.79 25.50 1.06
CA CYS A 417 -10.46 26.03 2.23
C CYS A 417 -9.77 27.29 2.78
N MET A 418 -8.51 27.52 2.40
CA MET A 418 -7.76 28.69 2.88
C MET A 418 -7.85 29.85 1.90
N GLN A 419 -8.47 29.60 0.75
CA GLN A 419 -8.44 30.54 -0.37
C GLN A 419 -9.59 31.51 -0.36
N ARG A 420 -9.17 32.76 -0.45
CA ARG A 420 -9.95 34.02 -0.41
C ARG A 420 -11.14 34.11 0.54
N LEU B 36 2.26 -10.92 -4.22
CA LEU B 36 2.80 -9.53 -4.17
C LEU B 36 1.78 -8.51 -4.72
N PRO B 37 1.80 -7.26 -4.20
CA PRO B 37 0.81 -6.28 -4.63
C PRO B 37 1.18 -5.62 -5.95
N PHE B 38 0.19 -5.43 -6.83
CA PHE B 38 0.40 -4.76 -8.12
C PHE B 38 0.84 -3.26 -8.03
N THR B 39 2.03 -3.01 -7.51
CA THR B 39 2.62 -1.66 -7.46
C THR B 39 3.99 -1.72 -8.06
N THR B 40 4.75 -0.66 -7.81
CA THR B 40 6.12 -0.61 -8.21
C THR B 40 7.00 -1.32 -7.20
N GLY B 41 7.93 -2.12 -7.72
CA GLY B 41 8.94 -2.76 -6.90
C GLY B 41 10.14 -1.86 -6.80
N LEU B 42 10.88 -1.98 -5.71
CA LEU B 42 12.18 -1.38 -5.61
C LEU B 42 13.05 -2.54 -5.22
N ILE B 43 14.28 -2.53 -5.67
CA ILE B 43 15.25 -3.51 -5.23
C ILE B 43 16.30 -2.75 -4.45
N TYR B 44 16.68 -3.24 -3.28
CA TYR B 44 17.89 -2.73 -2.60
C TYR B 44 18.41 -3.78 -1.65
N ASP B 45 19.72 -3.82 -1.50
CA ASP B 45 20.31 -4.67 -0.50
C ASP B 45 21.71 -4.19 -0.16
N SER B 46 22.04 -4.17 1.15
CA SER B 46 23.40 -3.77 1.63
C SER B 46 24.61 -4.58 1.09
N VAL B 47 24.39 -5.81 0.66
CA VAL B 47 25.47 -6.60 0.03
C VAL B 47 26.13 -5.78 -1.08
N MET B 48 25.34 -4.93 -1.74
CA MET B 48 25.86 -4.17 -2.86
C MET B 48 26.74 -3.02 -2.42
N LEU B 49 26.67 -2.68 -1.13
CA LEU B 49 27.51 -1.57 -0.59
C LEU B 49 28.98 -1.97 -0.42
N LYS B 50 29.22 -3.26 -0.28
CA LYS B 50 30.54 -3.77 0.08
C LYS B 50 31.57 -3.67 -1.03
N HIS B 51 31.08 -3.48 -2.25
CA HIS B 51 31.98 -3.22 -3.39
C HIS B 51 32.70 -1.87 -3.24
N GLN B 52 33.93 -1.91 -2.74
CA GLN B 52 34.70 -0.71 -2.50
C GLN B 52 36.18 -1.05 -2.59
N CYS B 53 36.94 -0.09 -3.08
CA CYS B 53 38.38 -0.21 -3.11
C CYS B 53 38.93 -0.35 -1.71
N SER B 54 40.01 -1.14 -1.61
CA SER B 54 40.63 -1.38 -0.31
C SER B 54 41.40 -0.15 0.14
N CYS B 55 41.71 0.74 -0.81
CA CYS B 55 42.37 2.02 -0.48
C CYS B 55 41.54 2.95 0.40
N GLY B 56 40.26 2.61 0.61
CA GLY B 56 39.30 3.39 1.43
C GLY B 56 38.62 4.64 0.83
N ASP B 57 39.31 5.30 -0.12
CA ASP B 57 39.06 6.69 -0.58
C ASP B 57 38.01 6.91 -1.71
N ASN B 58 36.86 7.47 -1.33
CA ASN B 58 35.71 7.65 -2.22
C ASN B 58 35.81 8.82 -3.20
N SER B 59 36.90 9.58 -3.12
CA SER B 59 37.06 10.71 -4.01
C SER B 59 38.02 10.35 -5.13
N ARG B 60 38.61 9.17 -5.00
CA ARG B 60 39.42 8.66 -6.08
C ARG B 60 38.53 7.71 -6.88
N HIS B 61 37.47 7.22 -6.23
CA HIS B 61 36.57 6.20 -6.77
C HIS B 61 35.07 6.64 -6.80
N PRO B 62 34.68 7.40 -7.81
CA PRO B 62 33.36 8.00 -7.92
C PRO B 62 32.20 7.01 -7.90
N GLU B 63 32.44 5.78 -8.38
CA GLU B 63 31.40 4.78 -8.34
C GLU B 63 31.44 4.17 -6.96
N HIS B 64 30.87 4.88 -5.99
CA HIS B 64 31.00 4.48 -4.59
C HIS B 64 29.67 4.10 -3.93
N ALA B 65 29.78 3.50 -2.77
CA ALA B 65 28.64 2.93 -2.06
C ALA B 65 27.59 3.96 -1.62
N GLY B 66 28.03 5.18 -1.39
CA GLY B 66 27.12 6.28 -1.08
C GLY B 66 26.07 6.59 -2.17
N ARG B 67 26.38 6.15 -3.40
CA ARG B 67 25.43 6.34 -4.53
C ARG B 67 24.09 5.70 -4.25
N ILE B 68 24.09 4.43 -3.89
CA ILE B 68 22.85 3.71 -3.62
C ILE B 68 22.25 3.93 -2.19
N GLN B 69 23.12 4.13 -1.19
CA GLN B 69 22.64 4.42 0.18
C GLN B 69 21.92 5.74 0.15
N SER B 70 22.50 6.77 -0.45
CA SER B 70 21.76 8.05 -0.56
C SER B 70 20.44 7.97 -1.32
N ILE B 71 20.38 7.29 -2.48
CA ILE B 71 19.08 7.14 -3.13
C ILE B 71 18.05 6.45 -2.24
N TRP B 72 18.47 5.35 -1.62
CA TRP B 72 17.57 4.54 -0.84
C TRP B 72 16.94 5.28 0.37
N SER B 73 17.73 6.09 1.05
CA SER B 73 17.24 6.79 2.25
C SER B 73 16.39 7.97 1.78
N ARG B 74 16.80 8.62 0.69
CA ARG B 74 16.03 9.69 0.05
C ARG B 74 14.60 9.29 -0.33
N LEU B 75 14.41 8.02 -0.64
CA LEU B 75 13.10 7.53 -1.04
C LEU B 75 12.19 7.39 0.17
N GLN B 76 12.77 7.10 1.33
CA GLN B 76 11.99 7.00 2.58
C GLN B 76 11.65 8.37 3.17
N GLU B 77 12.58 9.30 3.03
CA GLU B 77 12.45 10.69 3.48
C GLU B 77 11.38 11.43 2.74
N ARG B 78 11.23 11.12 1.45
CA ARG B 78 10.26 11.79 0.61
C ARG B 78 8.96 11.00 0.55
N GLY B 79 8.86 9.97 1.38
CA GLY B 79 7.66 9.13 1.46
C GLY B 79 7.39 8.06 0.38
N LEU B 80 8.30 7.93 -0.60
CA LEU B 80 8.04 7.11 -1.81
C LEU B 80 8.25 5.62 -1.54
N ARG B 81 9.35 5.30 -0.86
CA ARG B 81 9.74 3.92 -0.54
C ARG B 81 8.65 3.00 0.04
N SER B 82 7.83 3.50 0.96
CA SER B 82 6.83 2.65 1.63
C SER B 82 5.66 2.30 0.71
N GLN B 83 5.50 3.08 -0.35
CA GLN B 83 4.39 2.92 -1.28
C GLN B 83 4.74 1.80 -2.25
N CYS B 84 6.04 1.53 -2.36
CA CYS B 84 6.53 0.48 -3.23
C CYS B 84 6.63 -0.85 -2.49
N GLU B 85 6.68 -1.94 -3.25
CA GLU B 85 7.05 -3.23 -2.71
C GLU B 85 8.58 -3.26 -2.74
N CYS B 86 9.18 -3.43 -1.57
CA CYS B 86 10.61 -3.35 -1.37
C CYS B 86 11.19 -4.77 -1.29
N LEU B 87 12.05 -5.10 -2.24
CA LEU B 87 12.63 -6.42 -2.36
C LEU B 87 14.13 -6.29 -2.20
N ARG B 88 14.79 -7.37 -1.82
CA ARG B 88 16.24 -7.33 -1.57
C ARG B 88 16.99 -7.89 -2.77
N GLY B 89 16.33 -8.74 -3.55
CA GLY B 89 16.94 -9.28 -4.76
C GLY B 89 17.67 -10.57 -4.47
N ARG B 90 18.63 -10.91 -5.33
CA ARG B 90 19.37 -12.20 -5.22
C ARG B 90 20.62 -12.22 -6.10
N LYS B 91 21.52 -13.14 -5.79
CA LYS B 91 22.68 -13.44 -6.59
C LYS B 91 22.31 -14.02 -7.99
N ALA B 92 22.93 -13.53 -9.06
CA ALA B 92 22.78 -14.19 -10.37
C ALA B 92 23.51 -15.53 -10.34
N SER B 93 22.90 -16.55 -10.95
CA SER B 93 23.57 -17.85 -11.05
C SER B 93 24.69 -17.75 -12.07
N LEU B 94 25.61 -18.72 -12.02
CA LEU B 94 26.67 -18.77 -13.03
C LEU B 94 26.11 -18.93 -14.47
N GLU B 95 25.07 -19.75 -14.63
CA GLU B 95 24.32 -19.91 -15.91
C GLU B 95 23.65 -18.60 -16.41
N GLU B 96 23.03 -17.86 -15.51
CA GLU B 96 22.47 -16.53 -15.88
C GLU B 96 23.57 -15.58 -16.40
N LEU B 97 24.70 -15.49 -15.69
CA LEU B 97 25.85 -14.66 -16.12
C LEU B 97 26.37 -15.12 -17.50
N GLN B 98 26.45 -16.44 -17.71
CA GLN B 98 26.94 -17.02 -18.97
C GLN B 98 25.99 -16.90 -20.14
N SER B 99 24.74 -16.50 -19.87
CA SER B 99 23.81 -16.14 -20.95
C SER B 99 24.33 -14.98 -21.81
N VAL B 100 25.26 -14.21 -21.26
CA VAL B 100 25.74 -12.99 -21.88
C VAL B 100 27.25 -13.00 -21.90
N HIS B 101 27.88 -13.59 -20.90
CA HIS B 101 29.34 -13.41 -20.72
C HIS B 101 30.04 -14.74 -21.02
N SER B 102 31.28 -14.68 -21.46
CA SER B 102 32.01 -15.92 -21.80
C SER B 102 32.35 -16.67 -20.50
N GLU B 103 32.59 -17.99 -20.66
CA GLU B 103 32.96 -18.86 -19.55
C GLU B 103 34.12 -18.30 -18.74
N ARG B 104 35.15 -17.82 -19.46
CA ARG B 104 36.34 -17.27 -18.86
C ARG B 104 35.98 -16.02 -18.06
N HIS B 105 35.17 -15.12 -18.64
CA HIS B 105 34.70 -13.89 -17.91
C HIS B 105 33.99 -14.29 -16.62
N VAL B 106 33.07 -15.23 -16.72
CA VAL B 106 32.31 -15.67 -15.57
C VAL B 106 33.18 -16.35 -14.47
N LEU B 107 34.16 -17.17 -14.89
CA LEU B 107 35.07 -17.74 -13.92
C LEU B 107 35.82 -16.63 -13.18
N LEU B 108 36.41 -15.70 -13.92
CA LEU B 108 37.20 -14.64 -13.34
C LEU B 108 36.45 -13.74 -12.34
N TYR B 109 35.23 -13.31 -12.68
CA TYR B 109 34.52 -12.30 -11.86
C TYR B 109 33.33 -12.86 -11.05
N GLY B 110 32.93 -14.08 -11.36
CA GLY B 110 31.77 -14.69 -10.75
C GLY B 110 32.07 -15.75 -9.72
N THR B 111 33.34 -16.12 -9.57
CA THR B 111 33.69 -17.29 -8.74
C THR B 111 34.83 -17.03 -7.74
N ASN B 112 34.76 -17.72 -6.61
CA ASN B 112 35.82 -17.63 -5.59
C ASN B 112 37.13 -18.21 -6.14
N PRO B 113 38.25 -17.49 -5.94
CA PRO B 113 39.51 -17.95 -6.56
C PRO B 113 39.95 -19.35 -6.04
N LEU B 114 39.46 -19.74 -4.88
CA LEU B 114 39.81 -21.02 -4.30
C LEU B 114 38.91 -22.18 -4.78
N SER B 115 37.69 -21.88 -5.22
CA SER B 115 36.75 -22.92 -5.67
C SER B 115 37.11 -23.50 -7.06
N VAL B 134 45.37 -6.28 -11.92
CA VAL B 134 46.08 -5.01 -12.15
C VAL B 134 46.29 -4.22 -10.86
N MET B 135 47.48 -3.65 -10.74
CA MET B 135 47.90 -2.84 -9.59
C MET B 135 47.54 -1.37 -9.85
N LEU B 136 46.90 -0.71 -8.89
CA LEU B 136 46.43 0.69 -9.09
C LEU B 136 47.37 1.69 -8.44
N PRO B 137 47.42 2.96 -8.96
CA PRO B 137 48.23 4.02 -8.36
C PRO B 137 48.01 4.16 -6.85
N CYS B 138 46.79 3.89 -6.41
CA CYS B 138 46.38 3.94 -5.00
C CYS B 138 46.79 2.69 -4.24
N GLY B 139 47.14 1.63 -4.99
CA GLY B 139 47.52 0.36 -4.40
C GLY B 139 46.47 -0.74 -4.28
N GLY B 140 45.21 -0.40 -4.50
CA GLY B 140 44.19 -1.43 -4.62
C GLY B 140 44.38 -2.25 -5.88
N VAL B 141 43.57 -3.29 -6.02
CA VAL B 141 43.54 -4.09 -7.24
C VAL B 141 42.39 -3.59 -8.12
N GLY B 142 42.53 -3.71 -9.43
CA GLY B 142 41.48 -3.25 -10.32
C GLY B 142 41.55 -4.00 -11.63
N VAL B 143 40.50 -3.89 -12.44
CA VAL B 143 40.53 -4.54 -13.70
C VAL B 143 41.21 -3.57 -14.65
N ASP B 144 40.93 -2.28 -14.45
CA ASP B 144 41.70 -1.19 -15.03
C ASP B 144 41.74 -0.07 -14.02
N THR B 145 42.05 1.15 -14.48
CA THR B 145 42.28 2.26 -13.54
C THR B 145 41.07 2.89 -12.88
N ASP B 146 39.90 2.74 -13.52
CA ASP B 146 38.58 3.14 -12.97
C ASP B 146 37.92 1.99 -12.27
N THR B 147 38.10 0.81 -12.83
CA THR B 147 37.26 -0.31 -12.43
C THR B 147 37.98 -1.06 -11.33
N ILE B 148 37.59 -0.80 -10.09
CA ILE B 148 38.27 -1.43 -8.94
C ILE B 148 37.78 -2.85 -8.74
N TRP B 149 38.60 -3.66 -8.05
CA TRP B 149 38.21 -4.99 -7.66
C TRP B 149 38.48 -5.21 -6.16
N ASN B 150 37.42 -5.50 -5.40
CA ASN B 150 37.58 -5.80 -4.00
C ASN B 150 37.60 -7.29 -3.96
N GLU B 151 38.76 -7.83 -3.60
CA GLU B 151 38.97 -9.28 -3.69
C GLU B 151 38.04 -10.11 -2.84
N LEU B 152 37.42 -9.52 -1.81
CA LEU B 152 36.39 -10.31 -1.06
C LEU B 152 34.95 -10.07 -1.54
N HIS B 153 34.66 -8.87 -1.97
CA HIS B 153 33.26 -8.45 -2.10
C HIS B 153 32.76 -8.10 -3.52
N SER B 154 33.67 -7.84 -4.46
CA SER B 154 33.22 -7.24 -5.73
C SER B 154 32.38 -8.23 -6.54
N SER B 155 32.86 -9.47 -6.63
CA SER B 155 32.09 -10.52 -7.29
C SER B 155 30.68 -10.71 -6.70
N ASN B 156 30.56 -10.73 -5.38
CA ASN B 156 29.23 -10.88 -4.76
C ASN B 156 28.25 -9.71 -5.06
N ALA B 157 28.73 -8.47 -4.99
CA ALA B 157 27.94 -7.29 -5.34
C ALA B 157 27.54 -7.26 -6.86
N ALA B 158 28.50 -7.48 -7.77
CA ALA B 158 28.18 -7.62 -9.21
C ALA B 158 27.10 -8.71 -9.47
N ARG B 159 27.28 -9.89 -8.89
CA ARG B 159 26.29 -10.94 -9.07
C ARG B 159 24.96 -10.54 -8.50
N TRP B 160 24.99 -9.80 -7.40
CA TRP B 160 23.74 -9.39 -6.74
C TRP B 160 22.99 -8.36 -7.62
N ALA B 161 23.74 -7.43 -8.19
CA ALA B 161 23.14 -6.38 -9.04
C ALA B 161 22.45 -7.12 -10.19
N ALA B 162 23.18 -8.07 -10.78
CA ALA B 162 22.65 -8.77 -11.97
C ALA B 162 21.45 -9.65 -11.64
N GLY B 163 21.54 -10.44 -10.55
CA GLY B 163 20.40 -11.30 -10.15
C GLY B 163 19.16 -10.51 -9.73
N SER B 164 19.36 -9.30 -9.18
CA SER B 164 18.28 -8.41 -8.78
C SER B 164 17.56 -7.72 -9.91
N VAL B 165 18.30 -7.18 -10.88
CA VAL B 165 17.62 -6.65 -12.10
C VAL B 165 16.80 -7.76 -12.75
N THR B 166 17.38 -8.97 -12.87
CA THR B 166 16.68 -10.14 -13.42
C THR B 166 15.42 -10.49 -12.65
N ASP B 167 15.57 -10.62 -11.33
CA ASP B 167 14.43 -10.90 -10.46
C ASP B 167 13.29 -9.91 -10.60
N LEU B 168 13.64 -8.64 -10.59
CA LEU B 168 12.65 -7.57 -10.76
C LEU B 168 11.98 -7.60 -12.17
N ALA B 169 12.80 -7.77 -13.21
CA ALA B 169 12.27 -7.91 -14.58
C ALA B 169 11.22 -9.03 -14.71
N PHE B 170 11.51 -10.17 -14.10
CA PHE B 170 10.60 -11.32 -14.05
C PHE B 170 9.28 -11.07 -13.32
N LYS B 171 9.32 -10.44 -12.14
CA LYS B 171 8.08 -10.11 -11.42
C LYS B 171 7.23 -9.09 -12.18
N VAL B 172 7.88 -8.18 -12.90
CA VAL B 172 7.16 -7.19 -13.72
C VAL B 172 6.59 -7.83 -14.99
N ALA B 173 7.40 -8.70 -15.61
CA ALA B 173 6.99 -9.37 -16.87
C ALA B 173 5.80 -10.31 -16.64
N SER B 174 5.76 -10.94 -15.47
CA SER B 174 4.55 -11.68 -15.04
C SER B 174 3.32 -10.82 -14.65
N ARG B 175 3.50 -9.50 -14.56
CA ARG B 175 2.48 -8.53 -14.10
C ARG B 175 2.03 -8.78 -12.65
N GLU B 176 2.84 -9.53 -11.91
CA GLU B 176 2.76 -9.61 -10.44
C GLU B 176 3.04 -8.20 -9.85
N LEU B 177 4.16 -7.60 -10.27
CA LEU B 177 4.43 -6.19 -10.08
C LEU B 177 4.05 -5.41 -11.31
N LYS B 178 3.71 -4.13 -11.13
CA LYS B 178 3.34 -3.25 -12.25
C LYS B 178 4.57 -2.75 -13.01
N ASN B 179 5.62 -2.41 -12.27
CA ASN B 179 6.80 -1.76 -12.80
C ASN B 179 7.87 -1.78 -11.69
N GLY B 180 9.04 -1.21 -11.91
CA GLY B 180 10.08 -1.37 -10.90
C GLY B 180 11.28 -0.47 -11.14
N PHE B 181 12.05 -0.24 -10.07
CA PHE B 181 13.27 0.57 -10.12
C PHE B 181 14.30 -0.19 -9.28
N ALA B 182 15.44 -0.56 -9.87
CA ALA B 182 16.44 -1.31 -9.10
C ALA B 182 17.61 -0.40 -8.72
N VAL B 183 17.81 -0.22 -7.40
CA VAL B 183 18.83 0.68 -6.85
C VAL B 183 20.07 -0.18 -6.67
N VAL B 184 20.75 -0.45 -7.79
CA VAL B 184 21.88 -1.39 -7.87
C VAL B 184 23.20 -0.71 -8.20
N ARG B 185 24.28 -1.35 -7.73
CA ARG B 185 25.63 -1.06 -8.12
C ARG B 185 26.41 -2.36 -7.91
N PRO B 186 27.55 -2.52 -8.56
CA PRO B 186 28.12 -1.70 -9.61
C PRO B 186 27.22 -1.69 -10.89
N PRO B 187 27.39 -0.70 -11.75
CA PRO B 187 26.51 -0.60 -12.91
C PRO B 187 26.88 -1.75 -13.89
N GLY B 188 26.16 -1.86 -15.00
CA GLY B 188 26.41 -2.97 -15.90
C GLY B 188 26.59 -2.74 -17.39
N HIS B 189 26.15 -1.58 -17.93
CA HIS B 189 26.02 -1.40 -19.40
C HIS B 189 27.30 -1.32 -20.28
N HIS B 190 28.43 -0.99 -19.67
CA HIS B 190 29.70 -1.11 -20.33
C HIS B 190 30.34 -2.52 -20.35
N ALA B 191 29.83 -3.46 -19.58
CA ALA B 191 30.43 -4.78 -19.50
C ALA B 191 29.98 -5.55 -20.72
N ASP B 192 30.94 -6.05 -21.48
CA ASP B 192 30.56 -6.76 -22.67
C ASP B 192 30.86 -8.27 -22.48
N HIS B 193 30.65 -9.09 -23.52
CA HIS B 193 30.77 -10.56 -23.40
C HIS B 193 32.07 -11.00 -22.66
N SER B 194 33.21 -10.39 -22.96
CA SER B 194 34.41 -10.78 -22.19
C SER B 194 35.24 -9.58 -21.75
N THR B 195 34.59 -8.49 -21.37
CA THR B 195 35.31 -7.31 -20.91
C THR B 195 34.59 -6.65 -19.74
N ALA B 196 35.32 -6.40 -18.65
CA ALA B 196 34.89 -5.57 -17.54
C ALA B 196 35.54 -4.21 -17.76
N MET B 197 34.74 -3.14 -17.71
CA MET B 197 35.26 -1.77 -17.96
C MET B 197 34.27 -0.73 -17.48
N GLY B 198 34.71 0.51 -17.35
CA GLY B 198 33.81 1.63 -17.05
C GLY B 198 32.94 1.37 -15.84
N PHE B 199 33.54 0.81 -14.78
CA PHE B 199 32.92 0.50 -13.49
C PHE B 199 32.01 -0.75 -13.52
N CYS B 200 31.90 -1.44 -14.64
CA CYS B 200 30.93 -2.52 -14.80
C CYS B 200 31.61 -3.87 -14.88
N PHE B 201 31.01 -4.92 -14.33
CA PHE B 201 31.55 -6.30 -14.44
C PHE B 201 30.69 -7.23 -15.24
N PHE B 202 29.38 -7.24 -14.93
CA PHE B 202 28.38 -8.01 -15.62
C PHE B 202 27.28 -7.03 -16.10
N ASN B 203 26.73 -7.27 -17.29
CA ASN B 203 25.69 -6.44 -17.81
C ASN B 203 24.35 -6.89 -17.27
N SER B 204 23.99 -6.41 -16.10
CA SER B 204 22.76 -6.73 -15.41
C SER B 204 21.49 -6.63 -16.29
N VAL B 205 21.39 -5.53 -17.04
CA VAL B 205 20.24 -5.26 -17.94
C VAL B 205 20.18 -6.29 -19.11
N ALA B 206 21.34 -6.57 -19.71
CA ALA B 206 21.42 -7.60 -20.79
C ALA B 206 21.07 -9.00 -20.27
N ILE B 207 21.59 -9.34 -19.10
CA ILE B 207 21.30 -10.59 -18.43
C ILE B 207 19.82 -10.75 -18.13
N ALA B 208 19.17 -9.70 -17.65
CA ALA B 208 17.72 -9.77 -17.40
C ALA B 208 16.99 -9.96 -18.72
N CYS B 209 17.41 -9.25 -19.74
CA CYS B 209 16.76 -9.36 -21.04
C CYS B 209 16.87 -10.79 -21.59
N ARG B 210 18.08 -11.34 -21.62
CA ARG B 210 18.33 -12.73 -22.10
C ARG B 210 17.54 -13.76 -21.32
N GLN B 211 17.45 -13.57 -20.01
CA GLN B 211 16.71 -14.51 -19.18
C GLN B 211 15.23 -14.48 -19.40
N LEU B 212 14.66 -13.29 -19.54
CA LEU B 212 13.30 -13.12 -19.97
C LEU B 212 12.98 -13.79 -21.31
N GLN B 213 13.84 -13.64 -22.31
CA GLN B 213 13.73 -14.41 -23.59
C GLN B 213 13.82 -15.94 -23.47
N GLN B 214 14.89 -16.45 -22.86
CA GLN B 214 15.05 -17.89 -22.63
C GLN B 214 13.93 -18.57 -21.85
N GLN B 215 13.38 -17.86 -20.88
CA GLN B 215 12.29 -18.39 -20.11
C GLN B 215 10.96 -18.11 -20.81
N SER B 216 11.02 -17.66 -22.06
CA SER B 216 9.82 -17.26 -22.82
C SER B 216 8.80 -16.41 -22.03
N LYS B 217 9.31 -15.42 -21.30
CA LYS B 217 8.45 -14.54 -20.49
C LYS B 217 8.14 -13.14 -21.15
N ALA B 218 8.92 -12.77 -22.15
CA ALA B 218 8.64 -11.60 -22.99
C ALA B 218 9.28 -11.86 -24.32
N SER B 219 8.58 -11.60 -25.43
CA SER B 219 9.11 -11.96 -26.74
C SER B 219 10.01 -10.85 -27.24
N LYS B 220 9.43 -9.65 -27.28
CA LYS B 220 10.06 -8.45 -27.83
C LYS B 220 10.36 -7.48 -26.69
N ILE B 221 11.63 -7.11 -26.59
CA ILE B 221 12.13 -6.29 -25.49
C ILE B 221 12.79 -5.02 -26.03
N LEU B 222 12.37 -3.90 -25.45
CA LEU B 222 12.98 -2.60 -25.69
C LEU B 222 13.96 -2.31 -24.56
N ILE B 223 15.20 -1.95 -24.89
CA ILE B 223 16.11 -1.43 -23.90
C ILE B 223 16.39 0.04 -24.23
N VAL B 224 16.03 0.91 -23.29
CA VAL B 224 16.33 2.35 -23.41
C VAL B 224 17.48 2.64 -22.48
N ASP B 225 18.55 3.28 -22.99
CA ASP B 225 19.70 3.60 -22.18
C ASP B 225 19.95 5.13 -22.18
N TRP B 226 19.51 5.82 -21.12
CA TRP B 226 19.68 7.29 -21.08
C TRP B 226 20.84 7.76 -20.21
N ASP B 227 21.72 6.83 -19.87
CA ASP B 227 22.92 7.18 -19.14
C ASP B 227 23.67 8.02 -20.17
N VAL B 228 24.46 8.99 -19.71
CA VAL B 228 25.13 9.89 -20.63
C VAL B 228 26.16 9.17 -21.50
N HIS B 229 26.64 8.00 -21.05
CA HIS B 229 27.59 7.20 -21.83
C HIS B 229 26.82 6.12 -22.62
N HIS B 230 27.40 5.73 -23.75
CA HIS B 230 26.90 4.69 -24.62
C HIS B 230 27.03 3.32 -23.89
N GLY B 231 25.95 2.52 -23.80
CA GLY B 231 26.09 1.12 -23.30
C GLY B 231 26.74 0.21 -24.36
N ASN B 232 28.05 0.32 -24.55
CA ASN B 232 28.77 -0.53 -25.50
C ASN B 232 28.48 -2.02 -25.31
N GLY B 233 28.36 -2.45 -24.05
CA GLY B 233 28.17 -3.89 -23.77
C GLY B 233 26.80 -4.31 -24.25
N THR B 234 25.81 -3.46 -24.00
CA THR B 234 24.42 -3.79 -24.37
C THR B 234 24.27 -3.83 -25.91
N GLN B 235 24.87 -2.84 -26.58
CA GLN B 235 24.86 -2.81 -28.04
C GLN B 235 25.43 -4.10 -28.61
N GLN B 236 26.64 -4.43 -28.18
CA GLN B 236 27.39 -5.56 -28.69
C GLN B 236 26.54 -6.83 -28.50
N THR B 237 26.02 -7.04 -27.29
CA THR B 237 25.23 -8.22 -26.96
C THR B 237 24.04 -8.47 -27.87
N PHE B 238 23.29 -7.41 -28.17
CA PHE B 238 22.04 -7.55 -28.92
C PHE B 238 22.11 -7.13 -30.39
N TYR B 239 23.32 -6.86 -30.88
CA TYR B 239 23.58 -6.31 -32.23
C TYR B 239 22.93 -7.03 -33.43
N GLN B 240 22.95 -8.36 -33.38
CA GLN B 240 22.39 -9.25 -34.43
C GLN B 240 20.95 -9.68 -34.16
N ASP B 241 20.32 -9.23 -33.07
CA ASP B 241 19.06 -9.84 -32.61
C ASP B 241 17.82 -8.93 -32.83
N PRO B 242 16.91 -9.28 -33.79
CA PRO B 242 15.80 -8.37 -34.07
C PRO B 242 14.70 -8.32 -32.98
N SER B 243 14.75 -9.22 -32.01
CA SER B 243 13.72 -9.25 -31.00
C SER B 243 14.09 -8.33 -29.80
N VAL B 244 15.25 -7.70 -29.87
CA VAL B 244 15.65 -6.70 -28.86
C VAL B 244 15.91 -5.41 -29.60
N LEU B 245 15.26 -4.33 -29.19
CA LEU B 245 15.53 -3.01 -29.73
C LEU B 245 16.26 -2.24 -28.66
N TYR B 246 17.47 -1.80 -28.99
CA TYR B 246 18.33 -1.02 -28.09
C TYR B 246 18.32 0.44 -28.58
N ILE B 247 17.94 1.37 -27.70
CA ILE B 247 17.98 2.79 -28.07
C ILE B 247 18.81 3.49 -27.02
N SER B 248 19.97 3.98 -27.42
CA SER B 248 20.81 4.74 -26.50
C SER B 248 20.77 6.23 -26.86
N LEU B 249 20.58 7.07 -25.83
CA LEU B 249 20.92 8.51 -25.88
C LEU B 249 22.23 8.68 -25.11
N HIS B 250 23.22 9.26 -25.78
CA HIS B 250 24.49 9.50 -25.10
C HIS B 250 25.22 10.67 -25.70
N ARG B 251 26.03 11.30 -24.86
CA ARG B 251 27.05 12.26 -25.34
C ARG B 251 28.09 11.48 -26.18
N HIS B 252 28.34 11.89 -27.41
CA HIS B 252 29.22 11.12 -28.26
C HIS B 252 30.35 11.98 -28.80
N ASP B 253 30.01 13.26 -29.08
CA ASP B 253 30.98 14.22 -29.58
C ASP B 253 32.02 13.62 -30.50
N ASP B 254 31.53 12.92 -31.53
CA ASP B 254 32.33 12.40 -32.65
C ASP B 254 33.40 11.35 -32.29
N GLY B 255 33.18 10.64 -31.18
CA GLY B 255 34.02 9.49 -30.85
C GLY B 255 35.01 9.80 -29.73
N ASN B 256 34.78 10.93 -29.08
CA ASN B 256 35.70 11.62 -28.16
C ASN B 256 35.18 11.67 -26.72
N PHE B 257 34.14 10.91 -26.42
CA PHE B 257 33.63 10.84 -25.06
C PHE B 257 33.52 9.37 -24.65
N PHE B 258 33.75 9.07 -23.38
CA PHE B 258 33.81 7.69 -22.94
C PHE B 258 32.49 6.98 -23.27
N PRO B 259 32.56 5.72 -23.77
CA PRO B 259 33.72 4.90 -24.12
C PRO B 259 34.19 4.99 -25.56
N GLY B 260 33.67 5.94 -26.32
CA GLY B 260 34.06 6.08 -27.73
C GLY B 260 33.28 5.28 -28.77
N SER B 261 32.27 4.51 -28.33
CA SER B 261 31.41 3.70 -29.22
C SER B 261 30.03 4.37 -29.45
N GLY B 262 29.19 3.80 -30.31
CA GLY B 262 27.80 4.24 -30.44
C GLY B 262 27.55 5.41 -31.38
N ALA B 263 28.20 5.33 -32.53
CA ALA B 263 27.98 6.24 -33.66
C ALA B 263 26.62 5.95 -34.27
N VAL B 264 25.96 7.01 -34.76
CA VAL B 264 24.68 6.90 -35.43
C VAL B 264 24.62 5.78 -36.48
N ASP B 265 25.73 5.58 -37.19
CA ASP B 265 25.82 4.60 -38.26
C ASP B 265 25.67 3.16 -37.75
N GLU B 266 25.79 2.95 -36.45
CA GLU B 266 25.81 1.59 -35.93
C GLU B 266 24.39 1.14 -35.68
N VAL B 267 23.83 0.46 -36.66
CA VAL B 267 22.38 0.13 -36.67
C VAL B 267 22.06 -1.33 -36.31
N GLY B 268 23.06 -2.14 -36.05
CA GLY B 268 22.81 -3.56 -35.89
C GLY B 268 23.28 -4.29 -37.14
N ALA B 269 23.22 -5.61 -37.13
CA ALA B 269 23.69 -6.41 -38.24
C ALA B 269 22.91 -7.67 -38.37
N GLY B 270 23.04 -8.27 -39.57
CA GLY B 270 22.29 -9.48 -39.90
C GLY B 270 20.81 -9.20 -39.76
N SER B 271 20.11 -10.13 -39.14
CA SER B 271 18.68 -9.97 -38.87
C SER B 271 18.37 -8.81 -37.93
N GLY B 272 19.39 -8.30 -37.23
CA GLY B 272 19.22 -7.21 -36.28
C GLY B 272 19.44 -5.82 -36.85
N GLU B 273 19.60 -5.70 -38.19
CA GLU B 273 19.83 -4.39 -38.80
C GLU B 273 18.66 -3.46 -38.55
N GLY B 274 18.91 -2.24 -38.08
CA GLY B 274 17.79 -1.33 -37.75
C GLY B 274 17.31 -1.43 -36.31
N PHE B 275 17.74 -2.48 -35.62
CA PHE B 275 17.26 -2.69 -34.26
C PHE B 275 18.21 -2.17 -33.17
N ASN B 276 19.19 -1.41 -33.59
CA ASN B 276 20.08 -0.71 -32.69
C ASN B 276 20.09 0.81 -33.06
N VAL B 277 19.61 1.65 -32.16
CA VAL B 277 19.43 3.08 -32.43
C VAL B 277 20.27 3.94 -31.48
N ASN B 278 21.29 4.60 -32.02
CA ASN B 278 22.16 5.44 -31.20
C ASN B 278 21.84 6.94 -31.44
N VAL B 279 21.19 7.55 -30.48
CA VAL B 279 20.96 8.99 -30.56
C VAL B 279 22.24 9.57 -29.97
N ALA B 280 23.21 9.76 -30.85
CA ALA B 280 24.56 10.09 -30.47
C ALA B 280 24.70 11.60 -30.62
N TRP B 281 24.68 12.31 -29.50
CA TRP B 281 24.80 13.77 -29.51
C TRP B 281 26.19 14.24 -29.88
N ALA B 282 26.28 15.04 -30.94
CA ALA B 282 27.54 15.71 -31.34
C ALA B 282 27.47 17.20 -31.05
N GLY B 283 28.62 17.90 -31.09
CA GLY B 283 28.67 19.36 -30.87
C GLY B 283 29.15 19.91 -29.54
N GLY B 284 29.22 19.07 -28.50
CA GLY B 284 29.79 19.51 -27.23
C GLY B 284 28.81 20.12 -26.24
N LEU B 285 29.32 20.94 -25.32
CA LEU B 285 28.51 21.32 -24.15
C LEU B 285 27.80 22.67 -24.23
N ASP B 286 28.06 23.37 -25.32
CA ASP B 286 27.56 24.73 -25.51
C ASP B 286 26.99 24.81 -26.92
N PRO B 287 25.69 25.16 -27.04
CA PRO B 287 24.67 25.48 -26.02
C PRO B 287 24.30 24.29 -25.14
N PRO B 288 23.72 24.56 -23.96
CA PRO B 288 23.46 23.57 -22.91
C PRO B 288 22.63 22.40 -23.43
N MET B 289 23.03 21.17 -23.10
CA MET B 289 22.24 19.96 -23.43
C MET B 289 21.44 19.59 -22.23
N GLY B 290 20.13 19.53 -22.41
CA GLY B 290 19.21 19.36 -21.30
C GLY B 290 17.83 18.95 -21.77
N ASP B 291 16.82 19.38 -21.02
CA ASP B 291 15.46 18.94 -21.21
C ASP B 291 14.84 19.10 -22.60
N PRO B 292 14.91 20.31 -23.20
CA PRO B 292 14.34 20.42 -24.54
C PRO B 292 14.93 19.41 -25.53
N GLU B 293 16.21 19.11 -25.39
CA GLU B 293 16.95 18.24 -26.31
C GLU B 293 16.53 16.78 -26.13
N TYR B 294 16.39 16.36 -24.88
CA TYR B 294 15.96 15.00 -24.46
C TYR B 294 14.45 14.78 -24.71
N LEU B 295 13.67 15.84 -24.51
CA LEU B 295 12.27 15.80 -24.87
C LEU B 295 12.12 15.69 -26.37
N ALA B 296 12.95 16.37 -27.15
CA ALA B 296 12.82 16.25 -28.57
C ALA B 296 13.23 14.82 -29.03
N ALA B 297 14.28 14.29 -28.41
CA ALA B 297 14.71 12.94 -28.78
C ALA B 297 13.63 11.94 -28.53
N PHE B 298 12.85 12.11 -27.45
CA PHE B 298 11.74 11.22 -27.14
C PHE B 298 10.55 11.40 -28.12
N ARG B 299 10.23 12.64 -28.50
CA ARG B 299 9.11 12.92 -29.41
C ARG B 299 9.43 12.39 -30.80
N ILE B 300 10.66 12.61 -31.24
CA ILE B 300 11.01 12.39 -32.64
C ILE B 300 11.58 11.00 -32.91
N VAL B 301 12.39 10.50 -31.98
CA VAL B 301 13.09 9.23 -32.23
C VAL B 301 12.60 8.07 -31.33
N VAL B 302 12.77 8.22 -30.03
CA VAL B 302 12.55 7.11 -29.11
C VAL B 302 11.11 6.63 -29.05
N MET B 303 10.17 7.54 -28.94
CA MET B 303 8.80 7.06 -28.81
C MET B 303 8.20 6.50 -30.13
N PRO B 304 8.43 7.17 -31.28
CA PRO B 304 7.92 6.65 -32.55
C PRO B 304 8.49 5.27 -32.89
N ILE B 305 9.80 5.08 -32.73
CA ILE B 305 10.45 3.78 -32.99
C ILE B 305 9.94 2.69 -32.04
N ALA B 306 9.89 2.99 -30.74
CA ALA B 306 9.40 2.08 -29.71
C ALA B 306 7.98 1.61 -30.01
N ARG B 307 7.15 2.54 -30.48
CA ARG B 307 5.75 2.22 -30.85
C ARG B 307 5.62 1.34 -32.10
N GLU B 308 6.46 1.57 -33.11
CA GLU B 308 6.48 0.72 -34.29
C GLU B 308 6.98 -0.69 -33.91
N PHE B 309 8.01 -0.74 -33.05
CA PHE B 309 8.46 -2.01 -32.46
C PHE B 309 7.38 -2.68 -31.60
N SER B 310 6.69 -1.91 -30.77
CA SER B 310 5.66 -2.48 -29.89
C SER B 310 6.23 -3.59 -28.96
N PRO B 311 7.09 -3.23 -27.98
CA PRO B 311 7.72 -4.19 -27.04
C PRO B 311 6.70 -4.83 -26.07
N ASP B 312 6.96 -6.04 -25.59
CA ASP B 312 6.22 -6.68 -24.49
C ASP B 312 6.77 -6.24 -23.15
N LEU B 313 7.99 -5.71 -23.13
CA LEU B 313 8.61 -5.28 -21.88
C LEU B 313 9.66 -4.23 -22.15
N VAL B 314 9.77 -3.23 -21.27
CA VAL B 314 10.78 -2.16 -21.43
C VAL B 314 11.76 -2.23 -20.28
N LEU B 315 13.05 -2.32 -20.61
CA LEU B 315 14.10 -2.26 -19.59
C LEU B 315 14.80 -0.93 -19.82
N VAL B 316 15.13 -0.21 -18.73
CA VAL B 316 15.85 1.06 -18.83
C VAL B 316 17.21 1.01 -18.14
N SER B 317 18.27 1.30 -18.86
CA SER B 317 19.59 1.46 -18.23
C SER B 317 19.53 2.92 -17.74
N ALA B 318 19.12 3.10 -16.47
CA ALA B 318 18.77 4.46 -15.95
C ALA B 318 19.97 5.04 -15.15
N GLY B 319 20.97 5.48 -15.86
CA GLY B 319 22.02 6.27 -15.28
C GLY B 319 21.56 7.73 -15.24
N PHE B 320 22.05 8.48 -14.27
CA PHE B 320 21.68 9.88 -14.10
C PHE B 320 22.83 10.88 -14.22
N ASP B 321 23.88 10.44 -14.88
CA ASP B 321 25.01 11.30 -15.25
C ASP B 321 24.82 12.33 -16.37
N ALA B 322 23.66 12.34 -17.02
CA ALA B 322 23.29 13.46 -17.89
C ALA B 322 22.61 14.59 -17.05
N ALA B 323 22.40 14.34 -15.76
CA ALA B 323 21.71 15.27 -14.86
C ALA B 323 22.56 16.50 -14.55
N GLU B 324 21.86 17.60 -14.20
CA GLU B 324 22.51 18.84 -13.77
C GLU B 324 23.38 18.49 -12.56
N GLY B 325 24.63 18.95 -12.55
CA GLY B 325 25.53 18.66 -11.43
C GLY B 325 26.67 17.73 -11.75
N HIS B 326 26.85 17.35 -13.02
CA HIS B 326 27.96 16.54 -13.43
C HIS B 326 28.90 17.40 -14.24
N PRO B 327 30.04 17.77 -13.65
CA PRO B 327 30.86 18.64 -14.46
C PRO B 327 31.29 17.85 -15.66
N ALA B 328 31.66 18.53 -16.75
CA ALA B 328 32.54 17.90 -17.70
C ALA B 328 33.78 17.37 -16.90
N PRO B 329 34.39 16.26 -17.32
CA PRO B 329 34.14 15.24 -18.33
C PRO B 329 33.41 14.01 -17.76
N LEU B 330 32.58 14.23 -16.75
CA LEU B 330 31.69 13.17 -16.23
C LEU B 330 30.28 13.20 -16.84
N GLY B 331 30.00 14.21 -17.66
CA GLY B 331 28.68 14.44 -18.26
C GLY B 331 28.60 15.85 -18.84
N GLY B 332 28.23 16.81 -18.00
CA GLY B 332 28.26 18.23 -18.39
C GLY B 332 27.02 18.59 -19.19
N TYR B 333 25.95 17.84 -18.90
CA TYR B 333 24.61 18.02 -19.46
C TYR B 333 23.76 18.56 -18.34
N HIS B 334 22.60 19.09 -18.73
CA HIS B 334 21.76 19.88 -17.83
C HIS B 334 20.36 19.31 -17.75
N VAL B 335 20.24 17.98 -17.98
CA VAL B 335 18.93 17.31 -17.91
C VAL B 335 18.41 17.35 -16.51
N SER B 336 17.16 17.77 -16.35
CA SER B 336 16.55 17.94 -15.03
C SER B 336 15.88 16.68 -14.53
N ALA B 337 15.69 16.62 -13.20
CA ALA B 337 14.98 15.55 -12.49
C ALA B 337 13.61 15.29 -13.08
N LYS B 338 12.81 16.35 -13.10
CA LYS B 338 11.47 16.35 -13.66
C LYS B 338 11.39 15.73 -15.08
N CYS B 339 12.37 16.05 -15.93
CA CYS B 339 12.55 15.42 -17.23
C CYS B 339 12.72 13.88 -17.19
N PHE B 340 13.70 13.38 -16.43
CA PHE B 340 13.78 11.96 -16.08
C PHE B 340 12.43 11.38 -15.63
N GLY B 341 11.73 12.03 -14.71
CA GLY B 341 10.39 11.55 -14.34
C GLY B 341 9.46 11.45 -15.56
N TYR B 342 9.66 12.34 -16.52
CA TYR B 342 8.74 12.44 -17.67
C TYR B 342 9.06 11.41 -18.74
N MET B 343 10.35 11.20 -19.02
CA MET B 343 10.79 10.11 -19.88
C MET B 343 10.31 8.76 -19.31
N THR B 344 10.44 8.54 -18.00
CA THR B 344 9.83 7.36 -17.33
C THR B 344 8.35 7.21 -17.60
N GLN B 345 7.60 8.30 -17.40
CA GLN B 345 6.14 8.26 -17.55
C GLN B 345 5.73 7.90 -18.98
N GLN B 346 6.53 8.36 -19.91
CA GLN B 346 6.26 8.18 -21.29
C GLN B 346 6.53 6.72 -21.74
N LEU B 347 7.56 6.12 -21.13
CA LEU B 347 7.91 4.73 -21.41
C LEU B 347 6.87 3.81 -20.81
N MET B 348 6.16 4.29 -19.79
CA MET B 348 5.15 3.47 -19.12
C MET B 348 3.87 3.29 -19.97
N ASN B 349 3.73 4.09 -21.03
CA ASN B 349 2.66 3.97 -22.03
C ASN B 349 2.83 2.72 -22.89
N LEU B 350 4.05 2.14 -22.86
CA LEU B 350 4.46 0.99 -23.69
C LEU B 350 4.32 -0.30 -22.95
N ALA B 351 4.19 -1.41 -23.68
CA ALA B 351 4.32 -2.75 -23.08
C ALA B 351 3.28 -3.00 -21.99
N GLY B 352 2.11 -2.38 -22.13
CA GLY B 352 1.09 -2.46 -21.09
C GLY B 352 1.58 -1.88 -19.78
N GLY B 353 2.62 -1.05 -19.82
CA GLY B 353 3.20 -0.52 -18.56
C GLY B 353 4.24 -1.41 -17.91
N ALA B 354 4.69 -2.48 -18.59
CA ALA B 354 5.73 -3.33 -18.02
C ALA B 354 7.08 -2.71 -18.21
N VAL B 355 7.49 -1.91 -17.22
CA VAL B 355 8.71 -1.12 -17.31
C VAL B 355 9.59 -1.37 -16.09
N VAL B 356 10.89 -1.62 -16.32
CA VAL B 356 11.90 -1.77 -15.24
C VAL B 356 13.10 -0.85 -15.42
N LEU B 357 13.40 -0.01 -14.42
CA LEU B 357 14.58 0.87 -14.49
C LEU B 357 15.69 0.25 -13.68
N ALA B 358 16.94 0.35 -14.17
CA ALA B 358 18.03 -0.14 -13.37
C ALA B 358 19.05 0.95 -13.34
N LEU B 359 19.50 1.31 -12.13
CA LEU B 359 20.56 2.30 -12.01
C LEU B 359 21.83 1.90 -12.73
N GLU B 360 22.39 2.82 -13.46
CA GLU B 360 23.68 2.66 -14.12
C GLU B 360 24.58 3.75 -13.48
N GLY B 361 25.12 4.70 -14.24
CA GLY B 361 26.03 5.73 -13.71
C GLY B 361 25.33 6.95 -13.07
N GLY B 362 26.09 8.03 -12.89
CA GLY B 362 25.57 9.19 -12.17
C GLY B 362 26.21 9.23 -10.79
N HIS B 363 27.04 10.24 -10.53
CA HIS B 363 27.69 10.27 -9.21
C HIS B 363 27.37 11.42 -8.24
N ASP B 364 26.82 12.53 -8.73
CA ASP B 364 26.43 13.64 -7.84
C ASP B 364 25.25 13.22 -7.03
N LEU B 365 25.40 13.19 -5.72
CA LEU B 365 24.38 12.59 -4.89
C LEU B 365 23.08 13.34 -4.91
N THR B 366 23.14 14.67 -4.98
CA THR B 366 21.87 15.41 -4.94
C THR B 366 21.11 15.19 -6.29
N ALA B 367 21.85 15.24 -7.39
CA ALA B 367 21.30 15.06 -8.74
C ALA B 367 20.69 13.66 -8.96
N ILE B 368 21.37 12.60 -8.51
CA ILE B 368 20.87 11.25 -8.73
C ILE B 368 19.75 10.93 -7.78
N CYS B 369 19.77 11.54 -6.60
CA CYS B 369 18.66 11.38 -5.65
C CYS B 369 17.37 12.06 -6.13
N ASP B 370 17.52 13.28 -6.65
CA ASP B 370 16.44 14.07 -7.30
C ASP B 370 15.85 13.27 -8.49
N ALA B 371 16.76 12.82 -9.36
CA ALA B 371 16.36 12.08 -10.57
C ALA B 371 15.70 10.77 -10.20
N SER B 372 16.27 9.98 -9.27
CA SER B 372 15.66 8.70 -8.86
C SER B 372 14.32 8.92 -8.21
N GLU B 373 14.23 10.01 -7.42
CA GLU B 373 12.98 10.40 -6.82
C GLU B 373 11.92 10.70 -7.91
N ALA B 374 12.27 11.46 -8.91
CA ALA B 374 11.30 11.81 -9.94
C ALA B 374 10.83 10.54 -10.72
N CYS B 375 11.77 9.63 -11.00
CA CYS B 375 11.43 8.39 -11.75
C CYS B 375 10.53 7.45 -10.95
N VAL B 376 10.87 7.19 -9.69
CA VAL B 376 10.01 6.42 -8.78
C VAL B 376 8.58 7.04 -8.54
N ALA B 377 8.51 8.36 -8.37
CA ALA B 377 7.17 9.03 -8.34
C ALA B 377 6.30 8.69 -9.58
N ALA B 378 6.92 8.79 -10.75
CA ALA B 378 6.29 8.54 -12.06
C ALA B 378 5.77 7.14 -12.16
N LEU B 379 6.59 6.19 -11.69
CA LEU B 379 6.29 4.77 -11.71
C LEU B 379 5.06 4.46 -10.89
N LEU B 380 4.93 5.18 -9.75
CA LEU B 380 3.79 5.15 -8.88
C LEU B 380 2.53 5.87 -9.45
N GLY B 381 2.67 6.54 -10.58
CA GLY B 381 1.53 7.13 -11.27
C GLY B 381 1.40 8.63 -11.14
N ASN B 382 2.38 9.26 -10.52
CA ASN B 382 2.42 10.70 -10.42
C ASN B 382 2.78 11.29 -11.77
N ARG B 383 1.94 12.22 -12.24
CA ARG B 383 2.05 12.70 -13.61
C ARG B 383 2.76 14.03 -13.73
N VAL B 384 3.57 14.12 -14.77
CA VAL B 384 4.28 15.32 -15.05
C VAL B 384 3.43 16.18 -15.98
N ASP B 385 3.38 17.44 -15.61
CA ASP B 385 2.58 18.46 -16.25
C ASP B 385 3.52 19.18 -17.18
N PRO B 386 3.53 18.83 -18.48
CA PRO B 386 4.40 19.65 -19.31
C PRO B 386 3.70 20.99 -19.42
N LEU B 387 4.43 22.05 -19.74
CA LEU B 387 3.83 23.40 -19.64
C LEU B 387 3.80 23.96 -18.20
N SER B 388 3.92 23.10 -17.19
CA SER B 388 4.15 23.56 -15.83
C SER B 388 5.60 24.00 -15.71
N GLU B 389 6.30 24.01 -16.83
CA GLU B 389 7.71 24.15 -16.82
C GLU B 389 8.09 24.97 -18.05
N GLU B 390 8.21 26.29 -17.90
CA GLU B 390 8.68 27.13 -19.02
C GLU B 390 10.09 26.64 -19.29
N GLY B 391 10.66 26.97 -20.45
CA GLY B 391 11.94 26.35 -20.72
C GLY B 391 11.81 24.97 -21.40
N TRP B 392 10.75 24.23 -21.11
CA TRP B 392 10.32 23.15 -21.99
C TRP B 392 9.61 23.76 -23.22
N LYS B 393 9.53 25.10 -23.25
CA LYS B 393 8.97 25.85 -24.38
C LYS B 393 10.07 26.20 -25.36
N GLN B 394 11.32 26.05 -24.91
CA GLN B 394 12.46 26.38 -25.74
C GLN B 394 12.69 25.33 -26.82
N LYS B 395 13.06 25.78 -28.02
CA LYS B 395 13.41 24.89 -29.12
C LYS B 395 14.73 24.17 -28.82
N PRO B 396 14.82 22.87 -29.18
CA PRO B 396 16.09 22.18 -28.91
C PRO B 396 17.20 22.88 -29.68
N ASN B 397 18.39 22.87 -29.10
CA ASN B 397 19.50 23.56 -29.70
C ASN B 397 19.95 22.93 -31.04
N LEU B 398 20.79 23.64 -31.77
CA LEU B 398 21.13 23.33 -33.14
C LEU B 398 22.01 22.09 -33.30
N ASN B 399 22.95 21.90 -32.39
CA ASN B 399 23.75 20.69 -32.34
C ASN B 399 22.86 19.43 -32.21
N ALA B 400 21.85 19.51 -31.33
CA ALA B 400 20.90 18.43 -31.08
C ALA B 400 19.97 18.21 -32.28
N ILE B 401 19.59 19.29 -32.96
CA ILE B 401 18.85 19.19 -34.21
C ILE B 401 19.61 18.44 -35.31
N ARG B 402 20.89 18.75 -35.50
CA ARG B 402 21.57 18.01 -36.54
C ARG B 402 21.94 16.60 -36.13
N SER B 403 21.95 16.35 -34.83
CA SER B 403 22.30 15.02 -34.29
C SER B 403 21.09 14.12 -34.53
N LEU B 404 19.91 14.67 -34.23
CA LEU B 404 18.67 13.91 -34.41
C LEU B 404 18.46 13.70 -35.89
N GLU B 405 18.94 14.64 -36.70
CA GLU B 405 18.80 14.51 -38.14
C GLU B 405 19.69 13.43 -38.74
N ALA B 406 20.88 13.24 -38.16
CA ALA B 406 21.76 12.15 -38.57
C ALA B 406 21.12 10.80 -38.26
N VAL B 407 20.44 10.73 -37.12
CA VAL B 407 19.71 9.55 -36.67
C VAL B 407 18.57 9.23 -37.66
N ILE B 408 17.76 10.23 -38.02
CA ILE B 408 16.71 10.06 -39.04
C ILE B 408 17.27 9.59 -40.40
N ARG B 409 18.33 10.21 -40.90
CA ARG B 409 18.87 9.90 -42.23
C ARG B 409 19.30 8.41 -42.29
N VAL B 410 19.92 7.95 -41.21
CA VAL B 410 20.38 6.55 -41.10
C VAL B 410 19.22 5.55 -40.95
N HIS B 411 18.31 5.84 -40.04
CA HIS B 411 17.25 4.89 -39.71
C HIS B 411 16.03 4.96 -40.62
N SER B 412 15.97 6.00 -41.48
CA SER B 412 14.95 5.97 -42.54
C SER B 412 15.06 4.69 -43.40
N LYS B 413 16.18 3.99 -43.33
CA LYS B 413 16.33 2.75 -44.08
C LYS B 413 15.39 1.64 -43.58
N TYR B 414 15.04 1.73 -42.29
CA TYR B 414 14.47 0.63 -41.52
C TYR B 414 13.14 0.91 -40.95
N TRP B 415 12.81 2.17 -40.72
CA TRP B 415 11.64 2.50 -39.94
C TRP B 415 10.70 3.47 -40.68
N GLY B 416 9.40 3.09 -40.73
CA GLY B 416 8.35 3.87 -41.37
C GLY B 416 8.23 5.25 -40.75
N CYS B 417 8.26 5.32 -39.41
CA CYS B 417 8.27 6.64 -38.75
C CYS B 417 9.49 7.54 -39.05
N MET B 418 10.56 6.98 -39.61
CA MET B 418 11.76 7.76 -39.91
C MET B 418 11.86 8.10 -41.40
N GLN B 419 10.91 7.60 -42.19
CA GLN B 419 10.91 7.82 -43.63
C GLN B 419 10.12 9.09 -43.90
N ARG B 420 10.80 10.13 -44.37
CA ARG B 420 10.06 11.31 -44.84
C ARG B 420 10.17 11.64 -46.34
N LEU B 421 9.20 12.42 -46.80
CA LEU B 421 9.16 12.97 -48.15
C LEU B 421 10.40 13.84 -48.44
N THR C 39 -18.90 -2.86 -18.99
CA THR C 39 -17.68 -3.08 -18.13
C THR C 39 -17.88 -4.04 -16.92
N THR C 40 -17.45 -5.30 -17.08
CA THR C 40 -17.45 -6.28 -16.00
C THR C 40 -16.33 -6.06 -14.94
N GLY C 41 -16.68 -6.10 -13.66
CA GLY C 41 -15.71 -6.08 -12.54
C GLY C 41 -15.39 -7.49 -12.06
N LEU C 42 -14.14 -7.74 -11.65
CA LEU C 42 -13.75 -8.99 -10.97
C LEU C 42 -13.03 -8.61 -9.69
N ILE C 43 -13.38 -9.25 -8.58
CA ILE C 43 -12.67 -8.98 -7.33
C ILE C 43 -11.93 -10.20 -6.83
N TYR C 44 -10.69 -9.97 -6.40
CA TYR C 44 -9.80 -11.04 -5.90
C TYR C 44 -8.59 -10.40 -5.21
N ASP C 45 -8.12 -11.03 -4.15
CA ASP C 45 -6.84 -10.65 -3.52
C ASP C 45 -6.29 -11.88 -2.83
N SER C 46 -4.97 -12.01 -2.86
CA SER C 46 -4.27 -13.16 -2.30
C SER C 46 -4.38 -13.23 -0.78
N VAL C 47 -4.73 -12.13 -0.14
CA VAL C 47 -4.97 -12.13 1.30
C VAL C 47 -6.00 -13.21 1.71
N MET C 48 -6.87 -13.58 0.77
CA MET C 48 -7.92 -14.59 1.05
C MET C 48 -7.39 -16.03 0.98
N LEU C 49 -6.25 -16.26 0.32
CA LEU C 49 -5.60 -17.61 0.33
C LEU C 49 -5.09 -18.04 1.72
N LYS C 50 -4.85 -17.08 2.60
CA LYS C 50 -4.15 -17.30 3.86
C LYS C 50 -5.01 -17.97 4.95
N HIS C 51 -6.33 -17.99 4.73
CA HIS C 51 -7.29 -18.69 5.59
C HIS C 51 -7.03 -20.15 5.26
N GLN C 52 -6.34 -20.84 6.16
CA GLN C 52 -6.09 -22.27 5.99
C GLN C 52 -5.70 -22.90 7.29
N CYS C 53 -6.08 -24.18 7.46
CA CYS C 53 -5.82 -24.86 8.72
C CYS C 53 -4.32 -25.01 8.93
N SER C 54 -3.92 -24.99 10.19
CA SER C 54 -2.51 -25.21 10.54
C SER C 54 -1.96 -26.63 10.25
N CYS C 55 -2.83 -27.63 10.07
CA CYS C 55 -2.35 -28.98 9.66
C CYS C 55 -1.84 -28.98 8.23
N GLY C 56 -2.28 -28.00 7.44
CA GLY C 56 -1.88 -27.89 6.05
C GLY C 56 -2.36 -29.02 5.15
N ASP C 57 -3.41 -29.74 5.56
CA ASP C 57 -4.00 -30.82 4.76
C ASP C 57 -5.25 -30.34 4.03
N ASN C 58 -5.15 -30.11 2.72
CA ASN C 58 -6.31 -29.72 1.92
C ASN C 58 -7.28 -30.89 1.63
N SER C 59 -6.87 -32.12 1.99
CA SER C 59 -7.76 -33.31 1.82
C SER C 59 -8.83 -33.43 2.91
N ARG C 60 -8.55 -32.92 4.10
CA ARG C 60 -9.57 -32.95 5.13
C ARG C 60 -10.33 -31.63 5.29
N HIS C 61 -9.86 -30.59 4.62
CA HIS C 61 -10.50 -29.29 4.62
C HIS C 61 -10.87 -28.90 3.19
N PRO C 62 -12.12 -29.18 2.79
CA PRO C 62 -12.65 -28.91 1.42
C PRO C 62 -12.58 -27.42 0.99
N GLU C 63 -12.89 -26.52 1.92
CA GLU C 63 -12.87 -25.12 1.61
C GLU C 63 -11.43 -24.61 1.80
N HIS C 64 -10.61 -24.88 0.79
CA HIS C 64 -9.19 -24.59 0.85
C HIS C 64 -8.83 -23.52 -0.18
N ALA C 65 -7.61 -23.01 -0.08
CA ALA C 65 -7.22 -21.80 -0.79
C ALA C 65 -7.10 -21.98 -2.28
N GLY C 66 -6.84 -23.20 -2.74
CA GLY C 66 -6.75 -23.51 -4.17
C GLY C 66 -8.02 -23.25 -4.97
N ARG C 67 -9.16 -23.22 -4.29
CA ARG C 67 -10.44 -22.94 -4.93
C ARG C 67 -10.37 -21.59 -5.68
N ILE C 68 -10.11 -20.51 -4.95
CA ILE C 68 -10.09 -19.16 -5.58
C ILE C 68 -8.87 -18.86 -6.44
N GLN C 69 -7.70 -19.39 -6.06
CA GLN C 69 -6.49 -19.29 -6.91
C GLN C 69 -6.65 -19.92 -8.28
N SER C 70 -7.26 -21.11 -8.32
CA SER C 70 -7.44 -21.82 -9.60
C SER C 70 -8.47 -21.14 -10.51
N ILE C 71 -9.56 -20.65 -9.92
CA ILE C 71 -10.52 -19.79 -10.62
C ILE C 71 -9.84 -18.54 -11.24
N TRP C 72 -9.08 -17.80 -10.42
CA TRP C 72 -8.37 -16.59 -10.88
C TRP C 72 -7.41 -16.83 -12.04
N SER C 73 -6.64 -17.92 -11.96
CA SER C 73 -5.68 -18.23 -13.01
C SER C 73 -6.39 -18.77 -14.26
N ARG C 74 -7.49 -19.50 -14.07
CA ARG C 74 -8.35 -19.88 -15.20
C ARG C 74 -8.92 -18.68 -16.00
N LEU C 75 -9.31 -17.61 -15.32
CA LEU C 75 -9.83 -16.43 -16.01
C LEU C 75 -8.76 -15.66 -16.78
N GLN C 76 -7.53 -15.69 -16.27
CA GLN C 76 -6.33 -15.17 -16.97
C GLN C 76 -6.03 -15.98 -18.21
N GLU C 77 -5.89 -17.31 -18.03
CA GLU C 77 -5.57 -18.26 -19.10
C GLU C 77 -6.49 -18.14 -20.30
N ARG C 78 -7.78 -17.95 -20.03
CA ARG C 78 -8.80 -17.96 -21.08
C ARG C 78 -9.16 -16.55 -21.55
N GLY C 79 -8.39 -15.56 -21.09
CA GLY C 79 -8.46 -14.19 -21.63
C GLY C 79 -9.53 -13.24 -21.11
N LEU C 80 -10.22 -13.63 -20.04
CA LEU C 80 -11.38 -12.88 -19.57
C LEU C 80 -11.00 -11.78 -18.61
N ARG C 81 -9.94 -12.01 -17.83
CA ARG C 81 -9.44 -10.98 -16.92
C ARG C 81 -9.05 -9.68 -17.65
N SER C 82 -8.43 -9.85 -18.82
CA SER C 82 -8.03 -8.72 -19.70
C SER C 82 -9.18 -7.73 -20.03
N GLN C 83 -10.42 -8.22 -19.96
CA GLN C 83 -11.61 -7.46 -20.41
C GLN C 83 -12.41 -6.83 -19.28
N CYS C 84 -12.03 -7.17 -18.05
CA CYS C 84 -12.70 -6.68 -16.88
C CYS C 84 -11.86 -5.65 -16.14
N GLU C 85 -12.52 -4.80 -15.36
CA GLU C 85 -11.87 -4.01 -14.33
C GLU C 85 -11.55 -4.96 -13.18
N CYS C 86 -10.26 -5.30 -13.03
CA CYS C 86 -9.85 -6.19 -11.96
C CYS C 86 -9.54 -5.40 -10.70
N LEU C 87 -10.24 -5.72 -9.61
CA LEU C 87 -10.10 -5.01 -8.36
C LEU C 87 -9.64 -5.94 -7.23
N ARG C 88 -9.15 -5.34 -6.16
CA ARG C 88 -8.66 -6.08 -5.00
C ARG C 88 -9.64 -6.14 -3.82
N GLY C 89 -10.42 -5.09 -3.60
CA GLY C 89 -11.38 -5.08 -2.50
C GLY C 89 -10.76 -4.54 -1.23
N ARG C 90 -11.38 -4.86 -0.10
CA ARG C 90 -10.99 -4.29 1.18
C ARG C 90 -11.59 -5.11 2.32
N LYS C 91 -11.04 -4.92 3.52
CA LYS C 91 -11.62 -5.41 4.75
C LYS C 91 -12.88 -4.62 5.07
N ALA C 92 -13.99 -5.33 5.21
CA ALA C 92 -15.19 -4.76 5.74
C ALA C 92 -14.82 -4.16 7.05
N SER C 93 -15.37 -2.99 7.34
CA SER C 93 -15.26 -2.43 8.68
C SER C 93 -16.11 -3.22 9.66
N LEU C 94 -15.78 -3.13 10.95
CA LEU C 94 -16.56 -3.75 12.01
C LEU C 94 -18.01 -3.26 12.02
N GLU C 95 -18.21 -2.00 11.59
CA GLU C 95 -19.53 -1.38 11.52
C GLU C 95 -20.35 -2.02 10.37
N GLU C 96 -19.70 -2.33 9.25
CA GLU C 96 -20.36 -3.04 8.17
C GLU C 96 -20.79 -4.44 8.64
N LEU C 97 -19.90 -5.14 9.35
CA LEU C 97 -20.24 -6.48 9.85
C LEU C 97 -21.44 -6.45 10.80
N GLN C 98 -21.53 -5.38 11.60
CA GLN C 98 -22.56 -5.21 12.63
C GLN C 98 -23.97 -4.97 12.05
N SER C 99 -24.02 -4.67 10.75
CA SER C 99 -25.28 -4.46 10.09
C SER C 99 -26.04 -5.79 9.91
N VAL C 100 -25.32 -6.91 9.99
CA VAL C 100 -25.93 -8.24 9.93
C VAL C 100 -25.72 -8.98 11.24
N HIS C 101 -24.52 -8.87 11.81
CA HIS C 101 -24.11 -9.73 12.90
C HIS C 101 -24.11 -9.05 14.24
N SER C 102 -24.21 -9.85 15.32
CA SER C 102 -24.25 -9.32 16.69
C SER C 102 -22.87 -8.73 17.12
N GLU C 103 -22.83 -8.02 18.25
CA GLU C 103 -21.62 -7.34 18.72
C GLU C 103 -20.57 -8.38 19.11
N ARG C 104 -21.00 -9.43 19.80
CA ARG C 104 -20.12 -10.53 20.16
C ARG C 104 -19.56 -11.26 18.97
N HIS C 105 -20.42 -11.57 18.01
CA HIS C 105 -20.00 -12.23 16.78
C HIS C 105 -18.94 -11.38 16.04
N VAL C 106 -19.16 -10.06 15.93
CA VAL C 106 -18.27 -9.20 15.15
C VAL C 106 -16.89 -9.10 15.85
N LEU C 107 -16.92 -8.97 17.16
CA LEU C 107 -15.72 -8.93 17.99
C LEU C 107 -14.94 -10.25 18.06
N LEU C 108 -15.63 -11.38 18.07
CA LEU C 108 -15.01 -12.72 18.06
C LEU C 108 -14.36 -13.06 16.74
N TYR C 109 -15.05 -12.83 15.65
CA TYR C 109 -14.48 -13.23 14.38
C TYR C 109 -13.94 -12.05 13.59
N GLY C 110 -14.11 -10.84 14.13
CA GLY C 110 -13.82 -9.63 13.37
C GLY C 110 -12.41 -9.09 13.64
N THR C 111 -11.95 -9.37 14.85
CA THR C 111 -10.68 -8.91 15.37
C THR C 111 -9.87 -10.14 15.80
N ASN C 112 -8.53 -10.02 15.82
CA ASN C 112 -7.68 -11.17 16.15
C ASN C 112 -7.75 -11.53 17.65
N PRO C 113 -6.88 -10.95 18.51
CA PRO C 113 -5.56 -10.33 18.35
C PRO C 113 -4.44 -11.39 18.38
N LEU C 136 -10.02 -29.37 17.41
CA LEU C 136 -10.05 -30.07 16.12
C LEU C 136 -9.15 -31.32 16.01
N PRO C 137 -9.72 -32.46 15.55
CA PRO C 137 -8.98 -33.72 15.38
C PRO C 137 -7.55 -33.50 14.90
N CYS C 138 -7.39 -32.61 13.90
CA CYS C 138 -6.09 -32.40 13.21
C CYS C 138 -5.03 -31.63 13.98
N GLY C 139 -5.38 -31.10 15.15
CA GLY C 139 -4.46 -30.24 15.87
C GLY C 139 -4.69 -28.76 15.63
N GLY C 140 -5.31 -28.42 14.50
CA GLY C 140 -5.70 -27.03 14.22
C GLY C 140 -6.81 -26.48 15.11
N VAL C 141 -6.97 -25.16 15.12
CA VAL C 141 -8.13 -24.55 15.79
C VAL C 141 -9.28 -24.44 14.78
N GLY C 142 -10.52 -24.52 15.28
CA GLY C 142 -11.74 -24.38 14.48
C GLY C 142 -12.86 -23.71 15.27
N VAL C 143 -13.92 -23.29 14.57
CA VAL C 143 -15.17 -22.94 15.25
C VAL C 143 -16.04 -24.21 15.43
N ASP C 144 -16.00 -25.10 14.43
CA ASP C 144 -16.60 -26.42 14.55
C ASP C 144 -15.78 -27.30 13.62
N THR C 145 -16.22 -28.54 13.43
CA THR C 145 -15.42 -29.52 12.67
C THR C 145 -15.17 -29.10 11.21
N ASP C 146 -16.10 -28.35 10.63
CA ASP C 146 -15.95 -27.88 9.25
C ASP C 146 -15.23 -26.51 9.18
N THR C 147 -15.54 -25.63 10.13
CA THR C 147 -15.10 -24.23 10.01
C THR C 147 -13.77 -23.99 10.74
N ILE C 148 -12.73 -23.82 9.93
CA ILE C 148 -11.33 -23.65 10.37
C ILE C 148 -11.10 -22.26 10.96
N TRP C 149 -10.17 -22.18 11.91
CA TRP C 149 -9.70 -20.91 12.39
C TRP C 149 -8.17 -20.80 12.41
N ASN C 150 -7.65 -20.10 11.41
CA ASN C 150 -6.26 -19.70 11.40
C ASN C 150 -6.11 -18.43 12.25
N GLU C 151 -5.25 -18.55 13.25
CA GLU C 151 -5.16 -17.59 14.33
C GLU C 151 -4.65 -16.20 13.94
N LEU C 152 -4.05 -16.12 12.76
CA LEU C 152 -3.43 -14.92 12.25
C LEU C 152 -4.17 -14.35 11.02
N HIS C 153 -4.78 -15.24 10.25
CA HIS C 153 -5.28 -14.87 8.92
C HIS C 153 -6.79 -14.99 8.72
N SER C 154 -7.49 -15.83 9.50
CA SER C 154 -8.88 -16.14 9.17
C SER C 154 -9.75 -14.90 9.26
N SER C 155 -9.72 -14.22 10.40
CA SER C 155 -10.36 -12.93 10.61
C SER C 155 -10.18 -11.97 9.44
N ASN C 156 -8.94 -11.79 8.99
CA ASN C 156 -8.65 -10.88 7.87
C ASN C 156 -9.26 -11.34 6.56
N ALA C 157 -9.22 -12.63 6.29
CA ALA C 157 -9.78 -13.20 5.08
C ALA C 157 -11.32 -13.10 5.03
N ALA C 158 -11.95 -13.39 6.18
CA ALA C 158 -13.41 -13.33 6.29
C ALA C 158 -13.86 -11.89 6.08
N ARG C 159 -13.20 -10.94 6.76
CA ARG C 159 -13.48 -9.51 6.54
C ARG C 159 -13.19 -9.06 5.14
N TRP C 160 -12.18 -9.67 4.49
CA TRP C 160 -11.89 -9.36 3.09
C TRP C 160 -12.99 -9.79 2.12
N ALA C 161 -13.47 -11.02 2.25
CA ALA C 161 -14.55 -11.51 1.40
C ALA C 161 -15.77 -10.58 1.49
N ALA C 162 -16.09 -10.14 2.69
CA ALA C 162 -17.30 -9.38 2.88
C ALA C 162 -17.13 -7.91 2.38
N GLY C 163 -16.00 -7.27 2.70
CA GLY C 163 -15.72 -5.91 2.18
C GLY C 163 -15.71 -5.84 0.67
N SER C 164 -15.26 -6.92 0.04
CA SER C 164 -15.07 -7.00 -1.42
C SER C 164 -16.39 -7.16 -2.13
N VAL C 165 -17.29 -8.00 -1.60
CA VAL C 165 -18.62 -8.17 -2.22
C VAL C 165 -19.39 -6.88 -2.11
N THR C 166 -19.42 -6.29 -0.91
CA THR C 166 -19.98 -4.97 -0.63
C THR C 166 -19.43 -3.90 -1.58
N ASP C 167 -18.10 -3.77 -1.65
CA ASP C 167 -17.41 -2.83 -2.55
C ASP C 167 -17.91 -2.93 -3.98
N LEU C 168 -17.85 -4.14 -4.54
CA LEU C 168 -18.32 -4.47 -5.90
C LEU C 168 -19.82 -4.23 -6.08
N ALA C 169 -20.60 -4.49 -5.02
CA ALA C 169 -22.03 -4.27 -5.12
C ALA C 169 -22.28 -2.77 -5.30
N PHE C 170 -21.52 -1.96 -4.57
CA PHE C 170 -21.67 -0.50 -4.57
C PHE C 170 -21.31 0.13 -5.90
N LYS C 171 -20.29 -0.43 -6.55
CA LYS C 171 -19.83 -0.01 -7.89
C LYS C 171 -20.86 -0.35 -8.94
N VAL C 172 -21.40 -1.58 -8.85
CA VAL C 172 -22.48 -2.00 -9.78
C VAL C 172 -23.71 -1.10 -9.62
N ALA C 173 -24.14 -0.89 -8.36
CA ALA C 173 -25.29 -0.04 -8.06
C ALA C 173 -25.07 1.42 -8.51
N SER C 174 -23.83 1.90 -8.37
CA SER C 174 -23.46 3.29 -8.73
C SER C 174 -23.43 3.61 -10.21
N ARG C 175 -23.37 2.58 -11.06
CA ARG C 175 -23.26 2.72 -12.53
C ARG C 175 -21.77 2.74 -12.95
N GLU C 176 -20.91 2.68 -11.95
CA GLU C 176 -19.46 2.68 -12.07
C GLU C 176 -18.97 1.43 -12.80
N LEU C 177 -19.64 0.31 -12.54
CA LEU C 177 -19.45 -0.98 -13.22
C LEU C 177 -20.82 -1.51 -13.68
N LYS C 178 -20.87 -2.24 -14.79
CA LYS C 178 -22.13 -2.78 -15.29
C LYS C 178 -22.59 -3.96 -14.40
N ASN C 179 -21.68 -4.90 -14.16
CA ASN C 179 -21.98 -6.10 -13.40
C ASN C 179 -20.66 -6.64 -12.83
N GLY C 180 -20.62 -7.89 -12.39
CA GLY C 180 -19.35 -8.47 -11.93
C GLY C 180 -19.40 -9.68 -11.01
N PHE C 181 -18.21 -10.13 -10.62
CA PHE C 181 -18.00 -11.42 -9.96
C PHE C 181 -16.91 -11.30 -8.89
N ALA C 182 -17.26 -11.62 -7.66
CA ALA C 182 -16.32 -11.60 -6.54
C ALA C 182 -15.79 -13.00 -6.26
N VAL C 183 -14.47 -13.17 -6.48
CA VAL C 183 -13.84 -14.48 -6.34
C VAL C 183 -13.32 -14.53 -4.92
N VAL C 184 -14.24 -14.81 -3.99
CA VAL C 184 -13.96 -14.69 -2.57
C VAL C 184 -13.99 -16.00 -1.80
N ARG C 185 -13.23 -16.05 -0.71
CA ARG C 185 -13.41 -17.08 0.31
C ARG C 185 -12.89 -16.47 1.59
N PRO C 186 -13.33 -16.96 2.76
CA PRO C 186 -14.29 -18.04 2.99
C PRO C 186 -15.72 -17.62 2.53
N PRO C 187 -16.61 -18.61 2.27
CA PRO C 187 -17.99 -18.30 1.86
C PRO C 187 -18.82 -17.61 2.96
N GLY C 188 -20.06 -17.23 2.66
CA GLY C 188 -20.86 -16.42 3.58
C GLY C 188 -22.26 -16.91 3.92
N HIS C 189 -22.89 -17.63 3.01
CA HIS C 189 -24.37 -17.83 3.10
C HIS C 189 -24.92 -18.60 4.31
N HIS C 190 -24.06 -19.40 4.98
CA HIS C 190 -24.50 -20.14 6.18
C HIS C 190 -24.32 -19.33 7.41
N ALA C 191 -23.59 -18.20 7.28
CA ALA C 191 -23.43 -17.34 8.45
C ALA C 191 -24.68 -16.49 8.73
N ASP C 192 -25.03 -16.40 10.01
CA ASP C 192 -26.26 -15.79 10.49
C ASP C 192 -25.89 -14.79 11.58
N HIS C 193 -26.86 -14.03 12.08
CA HIS C 193 -26.62 -13.00 13.07
C HIS C 193 -25.55 -13.35 14.11
N SER C 194 -25.68 -14.51 14.76
CA SER C 194 -24.70 -14.92 15.77
C SER C 194 -24.11 -16.31 15.61
N THR C 195 -23.97 -16.77 14.38
CA THR C 195 -23.47 -18.11 14.14
C THR C 195 -22.55 -18.17 12.94
N ALA C 196 -21.37 -18.72 13.18
CA ALA C 196 -20.45 -19.08 12.13
C ALA C 196 -20.63 -20.55 11.94
N MET C 197 -20.77 -21.00 10.70
CA MET C 197 -20.95 -22.44 10.46
C MET C 197 -20.79 -22.70 9.02
N GLY C 198 -20.61 -23.96 8.67
CA GLY C 198 -20.66 -24.39 7.27
C GLY C 198 -19.62 -23.66 6.45
N PHE C 199 -18.42 -23.51 7.01
CA PHE C 199 -17.31 -22.84 6.34
C PHE C 199 -17.38 -21.29 6.35
N CYS C 200 -18.44 -20.74 6.98
CA CYS C 200 -18.83 -19.34 6.85
C CYS C 200 -18.74 -18.65 8.16
N PHE C 201 -18.23 -17.40 8.15
CA PHE C 201 -18.13 -16.58 9.35
C PHE C 201 -19.02 -15.36 9.31
N PHE C 202 -18.96 -14.66 8.18
CA PHE C 202 -19.77 -13.49 8.00
C PHE C 202 -20.49 -13.66 6.67
N ASN C 203 -21.73 -13.25 6.63
CA ASN C 203 -22.53 -13.40 5.43
C ASN C 203 -22.28 -12.23 4.51
N SER C 204 -21.38 -12.45 3.56
CA SER C 204 -20.82 -11.40 2.71
C SER C 204 -21.91 -10.74 1.88
N VAL C 205 -22.79 -11.59 1.33
CA VAL C 205 -23.91 -11.15 0.50
C VAL C 205 -24.94 -10.33 1.30
N ALA C 206 -25.33 -10.84 2.46
CA ALA C 206 -26.24 -10.15 3.34
C ALA C 206 -25.70 -8.79 3.75
N ILE C 207 -24.42 -8.74 4.14
CA ILE C 207 -23.75 -7.47 4.47
C ILE C 207 -23.88 -6.47 3.32
N ALA C 208 -23.41 -6.86 2.14
CA ALA C 208 -23.51 -6.02 0.97
C ALA C 208 -24.93 -5.43 0.86
N CYS C 209 -25.93 -6.32 0.85
CA CYS C 209 -27.35 -5.95 0.72
C CYS C 209 -27.77 -4.90 1.75
N ARG C 210 -27.44 -5.14 3.03
CA ARG C 210 -27.75 -4.20 4.10
C ARG C 210 -27.05 -2.85 3.91
N GLN C 211 -25.80 -2.92 3.43
CA GLN C 211 -25.01 -1.70 3.11
C GLN C 211 -25.64 -0.85 2.01
N LEU C 212 -25.99 -1.52 0.90
CA LEU C 212 -26.73 -0.96 -0.25
C LEU C 212 -28.04 -0.29 0.10
N GLN C 213 -28.71 -0.83 1.12
CA GLN C 213 -29.99 -0.32 1.61
C GLN C 213 -29.77 0.89 2.51
N GLN C 214 -28.79 0.79 3.41
CA GLN C 214 -28.56 1.82 4.41
C GLN C 214 -28.04 3.12 3.78
N GLN C 215 -27.46 2.98 2.59
CA GLN C 215 -26.94 4.09 1.80
C GLN C 215 -27.93 4.49 0.71
N SER C 216 -29.14 3.92 0.76
CA SER C 216 -30.14 4.10 -0.32
C SER C 216 -29.50 4.02 -1.70
N LYS C 217 -28.74 2.96 -1.93
CA LYS C 217 -28.08 2.71 -3.22
C LYS C 217 -28.95 1.80 -4.11
N ALA C 218 -30.02 1.27 -3.53
CA ALA C 218 -30.99 0.41 -4.21
C ALA C 218 -32.14 0.06 -3.28
N SER C 219 -33.35 0.08 -3.82
CA SER C 219 -34.54 0.03 -2.99
C SER C 219 -35.05 -1.40 -2.86
N LYS C 220 -35.13 -2.11 -3.99
CA LYS C 220 -35.45 -3.53 -3.99
C LYS C 220 -34.30 -4.42 -4.50
N ILE C 221 -33.87 -5.34 -3.64
CA ILE C 221 -32.79 -6.26 -3.98
C ILE C 221 -33.30 -7.69 -4.07
N LEU C 222 -32.96 -8.36 -5.15
CA LEU C 222 -33.11 -9.79 -5.24
C LEU C 222 -31.79 -10.52 -4.90
N ILE C 223 -31.87 -11.55 -4.07
CA ILE C 223 -30.75 -12.48 -3.85
C ILE C 223 -31.11 -13.85 -4.36
N VAL C 224 -30.36 -14.35 -5.33
CA VAL C 224 -30.57 -15.66 -5.84
C VAL C 224 -29.43 -16.51 -5.36
N ASP C 225 -29.74 -17.67 -4.79
CA ASP C 225 -28.75 -18.54 -4.19
C ASP C 225 -28.81 -19.89 -4.87
N TRP C 226 -27.92 -20.10 -5.86
CA TRP C 226 -27.89 -21.39 -6.57
C TRP C 226 -26.81 -22.38 -6.07
N ASP C 227 -26.16 -22.04 -4.97
CA ASP C 227 -25.36 -23.00 -4.26
C ASP C 227 -26.28 -24.19 -3.96
N VAL C 228 -25.76 -25.40 -3.99
CA VAL C 228 -26.60 -26.59 -3.74
C VAL C 228 -27.12 -26.66 -2.30
N HIS C 229 -26.51 -25.90 -1.40
CA HIS C 229 -26.96 -25.79 -0.02
C HIS C 229 -27.87 -24.60 0.19
N HIS C 230 -28.84 -24.78 1.10
CA HIS C 230 -29.67 -23.67 1.56
C HIS C 230 -28.87 -22.56 2.31
N GLY C 231 -29.11 -21.27 1.96
CA GLY C 231 -28.48 -20.14 2.64
C GLY C 231 -29.26 -19.70 3.85
N ASN C 232 -29.16 -20.51 4.92
CA ASN C 232 -29.94 -20.29 6.12
C ASN C 232 -29.72 -18.88 6.69
N GLY C 233 -28.46 -18.45 6.72
CA GLY C 233 -28.10 -17.13 7.24
C GLY C 233 -28.79 -16.02 6.49
N THR C 234 -28.76 -16.11 5.16
CA THR C 234 -29.41 -15.13 4.31
C THR C 234 -30.92 -15.19 4.49
N GLN C 235 -31.49 -16.40 4.48
CA GLN C 235 -32.93 -16.54 4.71
C GLN C 235 -33.34 -15.87 6.01
N GLN C 236 -32.58 -16.12 7.08
CA GLN C 236 -32.94 -15.61 8.38
C GLN C 236 -32.83 -14.09 8.45
N THR C 237 -31.81 -13.56 7.80
CA THR C 237 -31.49 -12.14 7.90
C THR C 237 -32.62 -11.26 7.34
N PHE C 238 -33.15 -11.70 6.21
CA PHE C 238 -34.14 -10.96 5.44
C PHE C 238 -35.58 -11.54 5.55
N TYR C 239 -35.84 -12.42 6.52
CA TYR C 239 -37.18 -13.04 6.64
C TYR C 239 -38.37 -12.05 6.77
N GLN C 240 -38.16 -10.95 7.47
CA GLN C 240 -39.25 -10.00 7.62
C GLN C 240 -39.22 -8.77 6.69
N ASP C 241 -38.33 -8.77 5.70
CA ASP C 241 -38.08 -7.56 4.92
C ASP C 241 -38.75 -7.72 3.55
N PRO C 242 -39.75 -6.88 3.19
CA PRO C 242 -40.31 -7.02 1.85
C PRO C 242 -39.45 -6.41 0.76
N SER C 243 -38.39 -5.68 1.15
CA SER C 243 -37.54 -5.00 0.16
C SER C 243 -36.43 -5.89 -0.33
N VAL C 244 -36.34 -7.10 0.21
CA VAL C 244 -35.37 -8.08 -0.32
C VAL C 244 -36.08 -9.38 -0.69
N LEU C 245 -35.96 -9.83 -1.92
CA LEU C 245 -36.45 -11.13 -2.30
C LEU C 245 -35.31 -12.13 -2.30
N TYR C 246 -35.40 -13.12 -1.41
CA TYR C 246 -34.47 -14.24 -1.43
C TYR C 246 -35.09 -15.42 -2.12
N ILE C 247 -34.39 -15.91 -3.14
CA ILE C 247 -34.78 -17.14 -3.80
C ILE C 247 -33.61 -18.07 -3.71
N SER C 248 -33.81 -19.21 -3.04
CA SER C 248 -32.78 -20.25 -3.03
C SER C 248 -33.21 -21.51 -3.79
N LEU C 249 -32.30 -22.09 -4.58
CA LEU C 249 -32.45 -23.45 -5.12
C LEU C 249 -31.46 -24.32 -4.32
N HIS C 250 -31.94 -25.46 -3.84
CA HIS C 250 -31.11 -26.33 -3.02
C HIS C 250 -31.62 -27.73 -2.81
N ARG C 251 -30.68 -28.67 -2.77
CA ARG C 251 -30.95 -30.02 -2.33
C ARG C 251 -31.46 -29.99 -0.88
N HIS C 252 -32.70 -30.46 -0.72
CA HIS C 252 -33.37 -30.44 0.55
C HIS C 252 -33.67 -31.85 1.11
N ASP C 253 -34.17 -32.71 0.22
CA ASP C 253 -34.42 -34.13 0.50
C ASP C 253 -35.10 -34.32 1.85
N ASP C 254 -36.22 -33.64 2.02
CA ASP C 254 -37.01 -33.73 3.26
C ASP C 254 -36.26 -33.44 4.55
N GLY C 255 -35.29 -32.52 4.50
CA GLY C 255 -34.60 -32.12 5.73
C GLY C 255 -33.36 -32.95 6.00
N ASN C 256 -32.96 -33.75 5.01
CA ASN C 256 -31.84 -34.70 5.17
C ASN C 256 -30.55 -34.34 4.46
N PHE C 257 -30.34 -33.05 4.23
CA PHE C 257 -29.12 -32.59 3.59
C PHE C 257 -28.67 -31.26 4.22
N PHE C 258 -27.37 -31.13 4.43
CA PHE C 258 -26.80 -29.91 5.03
C PHE C 258 -27.37 -28.63 4.35
N PRO C 259 -27.79 -27.67 5.17
CA PRO C 259 -27.81 -27.73 6.64
C PRO C 259 -29.13 -28.10 7.34
N GLY C 260 -30.08 -28.63 6.58
CA GLY C 260 -31.36 -29.10 7.14
C GLY C 260 -32.50 -28.11 7.13
N SER C 261 -32.24 -26.89 6.64
CA SER C 261 -33.17 -25.77 6.69
C SER C 261 -33.74 -25.48 5.29
N GLY C 262 -34.60 -24.46 5.17
CA GLY C 262 -35.08 -24.07 3.84
C GLY C 262 -36.21 -24.92 3.23
N ALA C 263 -37.19 -25.26 4.02
CA ALA C 263 -38.36 -26.04 3.51
C ALA C 263 -39.23 -25.11 2.69
N VAL C 264 -39.92 -25.68 1.69
CA VAL C 264 -40.77 -24.93 0.77
C VAL C 264 -41.80 -24.01 1.48
N ASP C 265 -42.27 -24.46 2.65
CA ASP C 265 -43.31 -23.79 3.45
C ASP C 265 -42.90 -22.45 4.07
N GLU C 266 -41.60 -22.21 4.16
CA GLU C 266 -41.08 -21.01 4.78
C GLU C 266 -41.01 -19.90 3.74
N VAL C 267 -41.95 -18.96 3.82
CA VAL C 267 -42.20 -17.94 2.81
C VAL C 267 -41.84 -16.54 3.28
N GLY C 268 -41.33 -16.40 4.49
CA GLY C 268 -41.15 -15.10 5.11
C GLY C 268 -42.23 -14.82 6.15
N ALA C 269 -42.13 -13.67 6.83
CA ALA C 269 -43.04 -13.26 7.91
C ALA C 269 -43.33 -11.76 7.90
N GLY C 270 -44.47 -11.39 8.50
CA GLY C 270 -44.87 -9.97 8.59
C GLY C 270 -44.97 -9.36 7.21
N SER C 271 -44.37 -8.16 7.04
CA SER C 271 -44.36 -7.48 5.74
C SER C 271 -43.59 -8.28 4.64
N GLY C 272 -42.71 -9.16 5.04
CA GLY C 272 -41.87 -9.96 4.14
C GLY C 272 -42.49 -11.29 3.81
N GLU C 273 -43.73 -11.51 4.27
CA GLU C 273 -44.43 -12.75 3.92
C GLU C 273 -44.60 -12.86 2.41
N GLY C 274 -44.01 -13.90 1.80
CA GLY C 274 -44.06 -14.03 0.35
C GLY C 274 -42.73 -13.73 -0.35
N PHE C 275 -41.79 -13.13 0.37
CA PHE C 275 -40.51 -12.66 -0.24
C PHE C 275 -39.35 -13.62 0.12
N ASN C 276 -39.70 -14.83 0.52
CA ASN C 276 -38.70 -15.89 0.67
C ASN C 276 -39.16 -17.09 -0.12
N VAL C 277 -38.35 -17.54 -1.06
CA VAL C 277 -38.74 -18.59 -1.97
C VAL C 277 -37.72 -19.70 -1.96
N ASN C 278 -38.09 -20.84 -1.35
CA ASN C 278 -37.22 -22.01 -1.31
C ASN C 278 -37.65 -23.03 -2.33
N VAL C 279 -36.89 -23.09 -3.41
CA VAL C 279 -36.95 -24.17 -4.39
C VAL C 279 -36.18 -25.36 -3.84
N ALA C 280 -36.86 -26.05 -2.95
CA ALA C 280 -36.28 -27.07 -2.13
C ALA C 280 -36.45 -28.37 -2.86
N TRP C 281 -35.35 -28.94 -3.38
CA TRP C 281 -35.44 -30.13 -4.24
C TRP C 281 -35.57 -31.33 -3.34
N ALA C 282 -36.51 -32.23 -3.67
CA ALA C 282 -36.66 -33.46 -2.90
C ALA C 282 -36.50 -34.69 -3.79
N GLY C 283 -36.40 -35.85 -3.16
CA GLY C 283 -36.33 -37.15 -3.87
C GLY C 283 -34.95 -37.76 -4.03
N GLY C 284 -33.95 -37.17 -3.39
CA GLY C 284 -32.57 -37.63 -3.53
C GLY C 284 -31.99 -37.51 -4.93
N LEU C 285 -31.02 -38.38 -5.22
CA LEU C 285 -30.09 -38.16 -6.34
C LEU C 285 -30.43 -38.90 -7.64
N ASP C 286 -31.43 -39.74 -7.58
CA ASP C 286 -31.84 -40.53 -8.74
C ASP C 286 -33.36 -40.49 -8.87
N PRO C 287 -33.84 -40.07 -10.05
CA PRO C 287 -33.01 -39.77 -11.22
C PRO C 287 -32.15 -38.48 -11.09
N PRO C 288 -31.26 -38.22 -12.06
CA PRO C 288 -30.22 -37.24 -11.75
C PRO C 288 -30.75 -35.82 -11.84
N MET C 289 -30.32 -35.00 -10.88
CA MET C 289 -30.63 -33.56 -10.83
C MET C 289 -29.60 -32.72 -11.60
N GLY C 290 -30.05 -32.00 -12.61
CA GLY C 290 -29.12 -31.36 -13.53
C GLY C 290 -29.77 -30.24 -14.27
N ASP C 291 -29.35 -30.05 -15.52
CA ASP C 291 -29.75 -28.92 -16.33
C ASP C 291 -31.27 -28.82 -16.60
N PRO C 292 -31.93 -29.92 -17.04
CA PRO C 292 -33.38 -29.72 -17.34
C PRO C 292 -34.16 -29.19 -16.11
N GLU C 293 -33.77 -29.66 -14.92
CA GLU C 293 -34.42 -29.24 -13.66
C GLU C 293 -34.16 -27.80 -13.29
N TYR C 294 -32.91 -27.36 -13.48
CA TYR C 294 -32.53 -25.96 -13.17
C TYR C 294 -33.10 -24.96 -14.17
N LEU C 295 -33.07 -25.37 -15.44
CA LEU C 295 -33.71 -24.62 -16.49
C LEU C 295 -35.21 -24.47 -16.26
N ALA C 296 -35.90 -25.60 -16.08
CA ALA C 296 -37.31 -25.60 -15.66
C ALA C 296 -37.55 -24.66 -14.48
N ALA C 297 -36.79 -24.87 -13.40
CA ALA C 297 -36.92 -24.00 -12.21
C ALA C 297 -36.83 -22.51 -12.56
N PHE C 298 -35.89 -22.15 -13.43
CA PHE C 298 -35.73 -20.75 -13.85
C PHE C 298 -36.93 -20.29 -14.71
N ARG C 299 -37.30 -21.07 -15.72
CA ARG C 299 -38.52 -20.79 -16.50
C ARG C 299 -39.82 -20.54 -15.69
N ILE C 300 -40.09 -21.40 -14.69
CA ILE C 300 -41.40 -21.45 -14.00
C ILE C 300 -41.43 -20.61 -12.71
N VAL C 301 -40.37 -20.69 -11.92
CA VAL C 301 -40.35 -20.05 -10.65
C VAL C 301 -39.48 -18.78 -10.60
N VAL C 302 -38.19 -18.90 -10.91
CA VAL C 302 -37.22 -17.86 -10.55
C VAL C 302 -37.46 -16.61 -11.36
N MET C 303 -37.48 -16.78 -12.67
CA MET C 303 -37.59 -15.63 -13.54
C MET C 303 -38.98 -14.93 -13.51
N PRO C 304 -40.09 -15.70 -13.52
CA PRO C 304 -41.33 -14.96 -13.34
C PRO C 304 -41.51 -14.25 -12.00
N ILE C 305 -41.10 -14.88 -10.89
CA ILE C 305 -41.18 -14.19 -9.61
C ILE C 305 -40.25 -12.97 -9.59
N ALA C 306 -39.03 -13.14 -10.07
CA ALA C 306 -38.07 -12.02 -10.11
C ALA C 306 -38.65 -10.82 -10.91
N ARG C 307 -39.17 -11.07 -12.11
CA ARG C 307 -39.75 -9.99 -12.94
C ARG C 307 -40.97 -9.31 -12.32
N GLU C 308 -41.75 -10.06 -11.55
CA GLU C 308 -42.91 -9.50 -10.87
C GLU C 308 -42.43 -8.63 -9.71
N PHE C 309 -41.36 -9.09 -9.04
CA PHE C 309 -40.70 -8.31 -7.98
C PHE C 309 -39.99 -7.06 -8.57
N SER C 310 -39.40 -7.22 -9.75
CA SER C 310 -38.72 -6.16 -10.49
C SER C 310 -37.59 -5.54 -9.67
N PRO C 311 -36.50 -6.28 -9.42
CA PRO C 311 -35.50 -5.73 -8.49
C PRO C 311 -34.70 -4.56 -9.06
N ASP C 312 -34.14 -3.73 -8.16
CA ASP C 312 -33.26 -2.62 -8.58
C ASP C 312 -31.83 -3.11 -8.69
N LEU C 313 -31.52 -4.18 -7.95
CA LEU C 313 -30.24 -4.85 -8.06
C LEU C 313 -30.35 -6.33 -7.64
N VAL C 314 -29.57 -7.19 -8.30
CA VAL C 314 -29.49 -8.63 -8.10
C VAL C 314 -28.13 -9.05 -7.46
N LEU C 315 -28.17 -9.68 -6.29
CA LEU C 315 -26.99 -10.42 -5.77
C LEU C 315 -27.13 -11.92 -5.98
N VAL C 316 -26.07 -12.54 -6.48
CA VAL C 316 -26.08 -13.99 -6.61
C VAL C 316 -25.11 -14.67 -5.57
N SER C 317 -25.69 -15.47 -4.66
CA SER C 317 -24.87 -16.38 -3.86
C SER C 317 -24.50 -17.53 -4.82
N ALA C 318 -23.42 -17.32 -5.55
CA ALA C 318 -23.06 -18.23 -6.63
C ALA C 318 -22.10 -19.32 -6.14
N GLY C 319 -22.66 -20.37 -5.55
CA GLY C 319 -21.90 -21.61 -5.27
C GLY C 319 -21.92 -22.46 -6.51
N PHE C 320 -20.96 -23.38 -6.65
CA PHE C 320 -20.91 -24.22 -7.85
C PHE C 320 -20.82 -25.67 -7.42
N ASP C 321 -21.29 -25.98 -6.19
CA ASP C 321 -21.34 -27.35 -5.69
C ASP C 321 -22.53 -28.19 -6.26
N ALA C 322 -23.41 -27.56 -7.06
CA ALA C 322 -24.42 -28.32 -7.81
C ALA C 322 -23.85 -28.79 -9.14
N ALA C 323 -22.66 -28.30 -9.48
CA ALA C 323 -21.95 -28.74 -10.70
C ALA C 323 -21.49 -30.20 -10.66
N GLU C 324 -21.28 -30.73 -11.85
CA GLU C 324 -20.76 -32.06 -12.07
C GLU C 324 -19.40 -32.22 -11.39
N GLY C 325 -19.20 -33.31 -10.65
CA GLY C 325 -17.93 -33.57 -9.99
C GLY C 325 -17.92 -33.46 -8.46
N HIS C 326 -19.09 -33.38 -7.85
CA HIS C 326 -19.24 -33.41 -6.40
C HIS C 326 -20.08 -34.65 -6.09
N PRO C 327 -19.52 -35.63 -5.34
CA PRO C 327 -20.14 -36.93 -4.99
C PRO C 327 -21.30 -36.76 -4.02
N ALA C 328 -22.18 -37.76 -3.83
CA ALA C 328 -23.32 -37.68 -2.86
C ALA C 328 -22.96 -36.41 -2.09
N PRO C 329 -22.14 -36.49 -1.01
CA PRO C 329 -22.54 -36.16 0.33
C PRO C 329 -22.25 -34.63 0.34
N LEU C 330 -21.63 -34.17 -0.76
CA LEU C 330 -21.20 -32.79 -0.96
C LEU C 330 -21.96 -32.08 -2.08
N GLY C 331 -23.06 -32.67 -2.53
CA GLY C 331 -23.82 -32.14 -3.66
C GLY C 331 -24.49 -33.25 -4.42
N GLY C 332 -23.78 -33.80 -5.41
CA GLY C 332 -24.27 -34.99 -6.14
C GLY C 332 -25.18 -34.65 -7.30
N TYR C 333 -25.16 -33.40 -7.72
CA TYR C 333 -25.93 -32.92 -8.86
C TYR C 333 -25.06 -32.79 -10.12
N HIS C 334 -25.73 -32.48 -11.22
CA HIS C 334 -25.10 -32.55 -12.53
C HIS C 334 -25.32 -31.28 -13.35
N VAL C 335 -25.46 -30.14 -12.70
CA VAL C 335 -25.55 -28.88 -13.42
C VAL C 335 -24.26 -28.63 -14.24
N SER C 336 -24.43 -28.17 -15.46
CA SER C 336 -23.33 -27.97 -16.40
C SER C 336 -22.84 -26.53 -16.29
N ALA C 337 -21.58 -26.31 -16.64
CA ALA C 337 -21.01 -24.96 -16.66
C ALA C 337 -21.80 -24.07 -17.61
N LYS C 338 -22.22 -24.58 -18.77
CA LYS C 338 -23.06 -23.79 -19.71
C LYS C 338 -24.41 -23.35 -19.10
N CYS C 339 -24.95 -24.15 -18.17
CA CYS C 339 -26.20 -23.82 -17.45
C CYS C 339 -26.02 -22.67 -16.44
N PHE C 340 -24.94 -22.73 -15.64
CA PHE C 340 -24.58 -21.60 -14.77
C PHE C 340 -24.40 -20.32 -15.61
N GLY C 341 -23.80 -20.48 -16.78
CA GLY C 341 -23.63 -19.32 -17.68
C GLY C 341 -24.96 -18.81 -18.22
N TYR C 342 -25.86 -19.74 -18.52
CA TYR C 342 -27.20 -19.38 -19.00
C TYR C 342 -28.07 -18.74 -17.91
N MET C 343 -27.93 -19.25 -16.69
CA MET C 343 -28.63 -18.68 -15.56
C MET C 343 -28.18 -17.26 -15.31
N THR C 344 -26.87 -17.04 -15.34
CA THR C 344 -26.28 -15.68 -15.23
C THR C 344 -26.86 -14.72 -16.26
N GLN C 345 -26.85 -15.17 -17.52
CA GLN C 345 -27.39 -14.37 -18.62
C GLN C 345 -28.87 -14.01 -18.40
N GLN C 346 -29.67 -14.99 -17.97
CA GLN C 346 -31.08 -14.73 -17.57
C GLN C 346 -31.21 -13.63 -16.52
N LEU C 347 -30.47 -13.73 -15.42
CA LEU C 347 -30.50 -12.71 -14.38
C LEU C 347 -30.12 -11.29 -14.86
N MET C 348 -29.27 -11.25 -15.89
CA MET C 348 -28.82 -9.97 -16.46
C MET C 348 -29.92 -9.20 -17.19
N ASN C 349 -31.04 -9.86 -17.46
CA ASN C 349 -32.22 -9.20 -18.02
C ASN C 349 -32.99 -8.44 -16.96
N LEU C 350 -32.58 -8.60 -15.70
CA LEU C 350 -33.21 -7.97 -14.56
C LEU C 350 -32.45 -6.73 -14.14
N ALA C 351 -33.11 -5.83 -13.42
CA ALA C 351 -32.48 -4.72 -12.72
C ALA C 351 -31.63 -3.80 -13.62
N GLY C 352 -31.87 -3.87 -14.93
CA GLY C 352 -31.12 -3.04 -15.85
C GLY C 352 -29.72 -3.58 -16.08
N GLY C 353 -29.54 -4.88 -15.80
CA GLY C 353 -28.23 -5.53 -15.97
C GLY C 353 -27.35 -5.51 -14.73
N ALA C 354 -27.82 -4.90 -13.64
CA ALA C 354 -27.09 -4.75 -12.39
C ALA C 354 -27.11 -6.02 -11.50
N VAL C 355 -26.13 -6.88 -11.76
CA VAL C 355 -25.99 -8.24 -11.22
C VAL C 355 -24.56 -8.39 -10.64
N VAL C 356 -24.46 -8.74 -9.34
CA VAL C 356 -23.19 -9.09 -8.69
C VAL C 356 -23.21 -10.57 -8.31
N LEU C 357 -22.27 -11.36 -8.81
CA LEU C 357 -22.03 -12.72 -8.30
C LEU C 357 -20.96 -12.78 -7.22
N ALA C 358 -21.23 -13.55 -6.16
CA ALA C 358 -20.29 -13.72 -5.03
C ALA C 358 -20.04 -15.22 -4.83
N LEU C 359 -18.75 -15.64 -4.88
CA LEU C 359 -18.42 -17.05 -4.78
C LEU C 359 -18.91 -17.52 -3.42
N GLU C 360 -19.62 -18.65 -3.39
CA GLU C 360 -20.00 -19.30 -2.12
C GLU C 360 -19.24 -20.61 -2.09
N GLY C 361 -19.92 -21.77 -2.26
CA GLY C 361 -19.31 -23.10 -2.29
C GLY C 361 -18.95 -23.70 -3.66
N GLY C 362 -18.70 -25.01 -3.66
CA GLY C 362 -18.17 -25.75 -4.81
C GLY C 362 -16.69 -26.05 -4.55
N HIS C 363 -16.23 -27.26 -4.83
CA HIS C 363 -14.81 -27.54 -4.53
C HIS C 363 -14.04 -28.35 -5.56
N ASP C 364 -14.73 -29.12 -6.38
CA ASP C 364 -14.04 -29.80 -7.47
C ASP C 364 -13.46 -28.68 -8.33
N LEU C 365 -12.14 -28.66 -8.48
CA LEU C 365 -11.47 -27.53 -9.12
C LEU C 365 -11.90 -27.30 -10.55
N THR C 366 -11.93 -28.35 -11.36
CA THR C 366 -12.26 -28.11 -12.76
C THR C 366 -13.75 -27.70 -12.87
N ALA C 367 -14.65 -28.48 -12.25
CA ALA C 367 -16.07 -28.06 -12.13
C ALA C 367 -16.22 -26.55 -11.88
N ILE C 368 -15.59 -26.06 -10.80
CA ILE C 368 -15.78 -24.67 -10.39
C ILE C 368 -15.07 -23.64 -11.25
N CYS C 369 -14.04 -24.11 -11.97
CA CYS C 369 -13.31 -23.27 -12.90
C CYS C 369 -14.10 -23.19 -14.19
N ASP C 370 -14.52 -24.34 -14.72
CA ASP C 370 -15.43 -24.37 -15.85
C ASP C 370 -16.65 -23.43 -15.62
N ALA C 371 -17.25 -23.48 -14.42
CA ALA C 371 -18.48 -22.73 -14.17
C ALA C 371 -18.26 -21.24 -13.95
N SER C 372 -17.21 -20.88 -13.19
CA SER C 372 -16.83 -19.46 -13.06
C SER C 372 -16.53 -18.84 -14.43
N GLU C 373 -15.81 -19.58 -15.27
CA GLU C 373 -15.46 -19.14 -16.63
C GLU C 373 -16.71 -18.74 -17.40
N ALA C 374 -17.65 -19.69 -17.54
CA ALA C 374 -18.95 -19.43 -18.19
C ALA C 374 -19.68 -18.22 -17.59
N CYS C 375 -19.76 -18.12 -16.25
CA CYS C 375 -20.43 -16.99 -15.63
C CYS C 375 -19.80 -15.65 -15.99
N VAL C 376 -18.46 -15.58 -15.93
CA VAL C 376 -17.76 -14.37 -16.29
C VAL C 376 -17.98 -14.05 -17.75
N ALA C 377 -17.91 -15.08 -18.58
CA ALA C 377 -18.13 -14.90 -20.01
C ALA C 377 -19.51 -14.28 -20.22
N ALA C 378 -20.54 -14.88 -19.59
CA ALA C 378 -21.92 -14.42 -19.76
C ALA C 378 -22.01 -12.99 -19.33
N LEU C 379 -21.32 -12.66 -18.24
CA LEU C 379 -21.25 -11.28 -17.74
C LEU C 379 -20.70 -10.25 -18.77
N LEU C 380 -19.88 -10.74 -19.71
CA LEU C 380 -19.20 -9.85 -20.67
C LEU C 380 -20.03 -9.71 -21.94
N GLY C 381 -21.35 -9.86 -21.80
CA GLY C 381 -22.28 -9.76 -22.92
C GLY C 381 -22.27 -10.93 -23.89
N ASN C 382 -21.59 -12.02 -23.52
CA ASN C 382 -21.51 -13.25 -24.32
C ASN C 382 -22.77 -14.08 -24.09
N ARG C 383 -23.36 -14.60 -25.17
CA ARG C 383 -24.68 -15.22 -25.12
C ARG C 383 -24.64 -16.73 -25.31
N VAL C 384 -25.47 -17.43 -24.55
CA VAL C 384 -25.61 -18.88 -24.62
C VAL C 384 -26.85 -19.21 -25.45
N ASP C 385 -26.69 -20.08 -26.43
CA ASP C 385 -27.80 -20.48 -27.30
C ASP C 385 -28.41 -21.77 -26.77
N PRO C 386 -29.68 -21.72 -26.31
CA PRO C 386 -30.38 -22.83 -25.66
C PRO C 386 -30.71 -23.99 -26.60
N LEU C 387 -30.70 -23.70 -27.90
CA LEU C 387 -30.89 -24.72 -28.93
C LEU C 387 -29.61 -25.55 -29.19
N SER C 388 -28.48 -25.11 -28.66
CA SER C 388 -27.18 -25.77 -28.89
C SER C 388 -27.00 -27.13 -28.21
N GLU C 389 -27.84 -27.44 -27.22
CA GLU C 389 -27.67 -28.67 -26.43
C GLU C 389 -28.87 -29.61 -26.52
N GLU C 390 -28.59 -30.86 -26.89
CA GLU C 390 -29.62 -31.91 -26.92
C GLU C 390 -30.16 -32.09 -25.52
N GLY C 391 -29.26 -32.03 -24.53
CA GLY C 391 -29.59 -32.26 -23.14
C GLY C 391 -30.74 -31.41 -22.65
N TRP C 392 -30.78 -30.15 -23.10
CA TRP C 392 -31.71 -29.12 -22.63
C TRP C 392 -33.10 -29.21 -23.25
N LYS C 393 -33.32 -30.23 -24.07
CA LYS C 393 -34.58 -30.40 -24.77
C LYS C 393 -35.43 -31.36 -23.94
N GLN C 394 -34.73 -32.32 -23.33
CA GLN C 394 -35.22 -33.25 -22.35
C GLN C 394 -36.09 -32.65 -21.23
N LYS C 395 -37.02 -33.49 -20.73
CA LYS C 395 -37.95 -33.12 -19.68
C LYS C 395 -37.30 -33.23 -18.30
N PRO C 396 -37.69 -32.34 -17.36
CA PRO C 396 -37.30 -32.44 -15.94
C PRO C 396 -37.74 -33.77 -15.34
N ASN C 397 -36.96 -34.33 -14.41
CA ASN C 397 -37.39 -35.58 -13.78
C ASN C 397 -38.60 -35.42 -12.86
N LEU C 398 -39.14 -36.56 -12.40
CA LEU C 398 -40.39 -36.53 -11.66
C LEU C 398 -40.19 -35.96 -10.27
N ASN C 399 -39.09 -36.34 -9.63
CA ASN C 399 -38.67 -35.69 -8.36
C ASN C 399 -38.74 -34.15 -8.44
N ALA C 400 -38.20 -33.58 -9.52
CA ALA C 400 -38.12 -32.13 -9.66
C ALA C 400 -39.45 -31.47 -10.01
N ILE C 401 -40.21 -32.10 -10.90
CA ILE C 401 -41.57 -31.66 -11.15
C ILE C 401 -42.35 -31.57 -9.84
N ARG C 402 -42.27 -32.62 -9.02
CA ARG C 402 -43.00 -32.64 -7.76
C ARG C 402 -42.54 -31.52 -6.83
N SER C 403 -41.23 -31.21 -6.85
CA SER C 403 -40.68 -30.14 -6.01
C SER C 403 -41.20 -28.78 -6.43
N LEU C 404 -41.32 -28.56 -7.74
CA LEU C 404 -41.76 -27.29 -8.31
C LEU C 404 -43.24 -27.09 -8.08
N GLU C 405 -43.97 -28.21 -8.13
CA GLU C 405 -45.41 -28.24 -7.86
C GLU C 405 -45.70 -27.71 -6.45
N ALA C 406 -44.89 -28.16 -5.49
CA ALA C 406 -44.94 -27.67 -4.07
C ALA C 406 -44.69 -26.16 -3.94
N VAL C 407 -43.62 -25.66 -4.59
CA VAL C 407 -43.35 -24.23 -4.65
C VAL C 407 -44.53 -23.42 -5.21
N ILE C 408 -45.08 -23.86 -6.34
CA ILE C 408 -46.24 -23.21 -6.97
C ILE C 408 -47.44 -23.18 -6.03
N ARG C 409 -47.75 -24.35 -5.45
CA ARG C 409 -48.83 -24.46 -4.46
C ARG C 409 -48.68 -23.44 -3.34
N VAL C 410 -47.49 -23.34 -2.76
CA VAL C 410 -47.19 -22.41 -1.66
C VAL C 410 -47.23 -20.93 -2.09
N HIS C 411 -46.60 -20.63 -3.22
CA HIS C 411 -46.41 -19.23 -3.67
C HIS C 411 -47.52 -18.64 -4.52
N SER C 412 -48.50 -19.46 -4.84
CA SER C 412 -49.68 -19.01 -5.57
C SER C 412 -50.41 -17.97 -4.76
N LYS C 413 -50.31 -18.10 -3.46
CA LYS C 413 -50.87 -17.16 -2.48
C LYS C 413 -50.29 -15.73 -2.55
N TYR C 414 -49.04 -15.58 -3.01
CA TYR C 414 -48.30 -14.28 -2.93
C TYR C 414 -47.93 -13.64 -4.27
N TRP C 415 -47.78 -14.46 -5.29
CA TRP C 415 -47.34 -14.00 -6.60
C TRP C 415 -48.37 -14.31 -7.68
N GLY C 416 -48.82 -13.27 -8.39
CA GLY C 416 -49.65 -13.45 -9.60
C GLY C 416 -49.19 -14.54 -10.58
N CYS C 417 -47.86 -14.66 -10.76
CA CYS C 417 -47.28 -15.60 -11.73
C CYS C 417 -47.29 -17.08 -11.28
N MET C 418 -47.53 -17.32 -10.00
CA MET C 418 -47.66 -18.67 -9.45
C MET C 418 -49.16 -19.02 -9.23
N GLN C 419 -50.05 -18.08 -9.54
CA GLN C 419 -51.47 -18.26 -9.23
C GLN C 419 -52.15 -19.07 -10.34
#